data_4A0P
#
_entry.id   4A0P
#
_cell.length_a   169.815
_cell.length_b   42.699
_cell.length_c   119.879
_cell.angle_alpha   90.00
_cell.angle_beta   97.49
_cell.angle_gamma   90.00
#
_symmetry.space_group_name_H-M   'C 1 2 1'
#
loop_
_entity.id
_entity.type
_entity.pdbx_description
1 polymer 'LOW-DENSITY LIPOPROTEIN RECEPTOR-RELATED PROTEIN 6'
2 branched 2-acetamido-2-deoxy-beta-D-glucopyranose-(1-4)-2-acetamido-2-deoxy-beta-D-glucopyranose
3 non-polymer 2-acetamido-2-deoxy-beta-D-glucopyranose
4 non-polymer 'CALCIUM ION'
5 non-polymer 'CHLORIDE ION'
6 non-polymer 1,2-ETHANEDIOL
7 water water
#
_entity_poly.entity_id   1
_entity_poly.type   'polypeptide(L)'
_entity_poly.pdbx_seq_one_letter_code
;ETGVPEAFLLFSRRADIRRISLETNNNNVAIPLTGVKEASALDFDVTDNRIYWTDISLKTISRAFMNGSALEHVVEFGLD
YPEGMAVDWLGKNLYWADTGTNRIEVSKLDGQHRQVLVWKDLDSPRALALDPAEGFMYWTEWGGKPKIDRAAMDGSERTT
LVPNVGRANGLTIDYAKRRLYWTDLDTNLIESSNMLGLNREVIADDLPHPFGLTQYQDYIYWTDWSRRSIERANKTSGQN
RTIIQGHLDYVMDILVFHSSRQSGWNECASSNGHCSHLCLAVPVGGFVCGCPAHYSLNADNRTCSAPTTFLLFSQKSAIN
RMVIDEQQSPDIILPIHSLRNVRAIDYDPLDKQLYWIDSRQNMIRKAQEDGSQGFTVVVSSVPSQNLEIQPYDLSIDIYS
RYIYWTCEATNVINVTRLDGRSVGVVLKGEQDRPRAVVVNPEKGYMYFTNLQERSPKIERAALDGTEREVLFFSGLSKPI
ALALDSRLGKLFWADSDLRRIESSDLSGANRIVLEDSNILQPVGLTVFENWLYWIDKQQQMIEKIDMTGREGRTKVQARI
AQLSDIHAVKELNLQEYRQHPCAQDNGGCSHICLVKGDGTTRCSCPMHLVLLQDELSCGGTKHHHHHH
;
_entity_poly.pdbx_strand_id   A
#
loop_
_chem_comp.id
_chem_comp.type
_chem_comp.name
_chem_comp.formula
CA non-polymer 'CALCIUM ION' 'Ca 2'
CL non-polymer 'CHLORIDE ION' 'Cl -1'
EDO non-polymer 1,2-ETHANEDIOL 'C2 H6 O2'
NAG D-saccharide, beta linking 2-acetamido-2-deoxy-beta-D-glucopyranose 'C8 H15 N O6'
#
# COMPACT_ATOMS: atom_id res chain seq x y z
N PRO A 5 -32.87 -24.66 -0.67
CA PRO A 5 -31.74 -24.37 -1.53
C PRO A 5 -30.79 -25.56 -1.68
N GLU A 6 -30.48 -25.91 -2.93
CA GLU A 6 -29.50 -26.98 -3.20
C GLU A 6 -28.11 -26.52 -2.79
N ALA A 7 -27.41 -27.34 -2.00
CA ALA A 7 -26.02 -27.08 -1.64
C ALA A 7 -25.08 -27.58 -2.73
N PHE A 8 -23.97 -26.87 -2.92
CA PHE A 8 -22.95 -27.21 -3.89
C PHE A 8 -21.60 -27.21 -3.20
N LEU A 9 -20.66 -27.96 -3.77
CA LEU A 9 -19.28 -27.93 -3.31
C LEU A 9 -18.47 -27.24 -4.39
N LEU A 10 -17.72 -26.21 -4.01
CA LEU A 10 -16.81 -25.54 -4.94
C LEU A 10 -15.39 -25.97 -4.59
N PHE A 11 -14.54 -26.13 -5.60
CA PHE A 11 -13.14 -26.41 -5.36
C PHE A 11 -12.23 -25.78 -6.40
N SER A 12 -11.00 -25.52 -5.99
CA SER A 12 -10.00 -24.90 -6.84
C SER A 12 -8.94 -25.92 -7.22
N ARG A 13 -8.55 -25.88 -8.49
CA ARG A 13 -7.55 -26.80 -9.01
C ARG A 13 -7.00 -26.22 -10.30
N ARG A 14 -5.67 -26.08 -10.37
CA ARG A 14 -5.03 -25.44 -11.52
C ARG A 14 -5.62 -24.03 -11.64
N ALA A 15 -6.07 -23.65 -12.85
CA ALA A 15 -6.59 -22.32 -13.09
C ALA A 15 -8.12 -22.25 -12.99
N ASP A 16 -8.74 -23.32 -12.49
CA ASP A 16 -10.21 -23.45 -12.51
C ASP A 16 -10.83 -23.45 -11.12
N ILE A 17 -12.02 -22.89 -11.04
CA ILE A 17 -12.90 -23.06 -9.91
C ILE A 17 -14.07 -23.90 -10.44
N ARG A 18 -14.30 -25.04 -9.81
CA ARG A 18 -15.30 -25.98 -10.28
C ARG A 18 -16.39 -26.20 -9.23
N ARG A 19 -17.58 -26.56 -9.70
CA ARG A 19 -18.74 -26.76 -8.83
C ARG A 19 -19.31 -28.16 -8.96
N ILE A 20 -19.48 -28.82 -7.82
CA ILE A 20 -20.07 -30.16 -7.74
C ILE A 20 -21.35 -30.09 -6.91
N SER A 21 -22.41 -30.71 -7.40
CA SER A 21 -23.68 -30.76 -6.69
C SER A 21 -23.65 -31.88 -5.65
N LEU A 22 -23.94 -31.53 -4.39
CA LEU A 22 -24.02 -32.52 -3.32
C LEU A 22 -25.30 -33.36 -3.36
N GLU A 23 -26.27 -32.95 -4.18
CA GLU A 23 -27.47 -33.76 -4.44
C GLU A 23 -27.22 -34.79 -5.56
N THR A 24 -26.46 -34.40 -6.58
CA THR A 24 -26.08 -35.30 -7.69
C THR A 24 -24.61 -35.11 -8.07
N ASN A 25 -23.75 -36.02 -7.61
CA ASN A 25 -22.29 -35.85 -7.70
C ASN A 25 -21.72 -35.86 -9.13
N ASN A 26 -22.46 -36.43 -10.07
CA ASN A 26 -22.04 -36.45 -11.49
C ASN A 26 -21.89 -35.04 -12.09
N ASN A 27 -22.76 -34.14 -11.67
CA ASN A 27 -22.78 -32.77 -12.21
C ASN A 27 -21.62 -31.91 -11.68
N ASN A 28 -20.54 -31.85 -12.48
CA ASN A 28 -19.36 -31.03 -12.18
C ASN A 28 -19.09 -30.06 -13.33
N VAL A 29 -19.04 -28.76 -13.02
CA VAL A 29 -18.82 -27.71 -14.04
C VAL A 29 -17.85 -26.62 -13.58
N ALA A 30 -17.25 -25.91 -14.53
CA ALA A 30 -16.36 -24.78 -14.22
C ALA A 30 -17.12 -23.46 -14.11
N ILE A 31 -16.89 -22.71 -13.04
CA ILE A 31 -17.41 -21.34 -12.95
C ILE A 31 -16.77 -20.52 -14.08
N PRO A 32 -17.59 -19.78 -14.86
CA PRO A 32 -17.12 -19.11 -16.08
C PRO A 32 -16.27 -17.86 -15.87
N LEU A 33 -15.04 -18.04 -15.38
CA LEU A 33 -14.16 -16.93 -15.08
C LEU A 33 -13.07 -16.81 -16.16
N THR A 34 -12.59 -15.60 -16.38
CA THR A 34 -11.47 -15.36 -17.29
C THR A 34 -10.26 -14.84 -16.52
N GLY A 35 -9.08 -15.02 -17.11
CA GLY A 35 -7.84 -14.43 -16.60
C GLY A 35 -7.23 -15.09 -15.37
N VAL A 36 -7.82 -16.19 -14.89
CA VAL A 36 -7.28 -16.88 -13.70
C VAL A 36 -6.03 -17.68 -14.07
N LYS A 37 -4.97 -17.52 -13.29
CA LYS A 37 -3.72 -18.25 -13.52
C LYS A 37 -3.60 -19.43 -12.55
N GLU A 38 -3.87 -19.18 -11.27
CA GLU A 38 -3.87 -20.22 -10.25
C GLU A 38 -4.94 -19.93 -9.21
N ALA A 39 -6.03 -20.68 -9.26
CA ALA A 39 -7.10 -20.51 -8.27
C ALA A 39 -6.66 -21.12 -6.94
N SER A 40 -6.72 -20.33 -5.87
CA SER A 40 -6.24 -20.77 -4.57
C SER A 40 -7.41 -20.79 -3.56
N ALA A 41 -7.48 -19.82 -2.66
CA ALA A 41 -8.50 -19.78 -1.63
C ALA A 41 -9.83 -19.30 -2.23
N LEU A 42 -10.93 -19.84 -1.71
CA LEU A 42 -12.28 -19.56 -2.22
C LEU A 42 -13.20 -19.12 -1.09
N ASP A 43 -14.17 -18.28 -1.42
CA ASP A 43 -15.32 -18.07 -0.55
C ASP A 43 -16.45 -17.45 -1.35
N PHE A 44 -17.57 -17.17 -0.70
CA PHE A 44 -18.74 -16.61 -1.35
C PHE A 44 -19.43 -15.61 -0.43
N ASP A 45 -20.40 -14.87 -0.98
CA ASP A 45 -21.20 -13.94 -0.18
C ASP A 45 -22.65 -14.34 -0.39
N VAL A 46 -23.35 -14.57 0.73
CA VAL A 46 -24.73 -15.04 0.69
C VAL A 46 -25.70 -13.96 0.19
N THR A 47 -25.41 -12.70 0.47
CA THR A 47 -26.27 -11.60 0.05
C THR A 47 -26.50 -11.54 -1.46
N ASP A 48 -25.45 -11.71 -2.26
CA ASP A 48 -25.51 -11.47 -3.72
C ASP A 48 -24.99 -12.59 -4.62
N ASN A 49 -24.66 -13.74 -4.02
CA ASN A 49 -24.13 -14.89 -4.76
C ASN A 49 -22.92 -14.57 -5.63
N ARG A 50 -22.02 -13.78 -5.06
CA ARG A 50 -20.72 -13.54 -5.64
C ARG A 50 -19.76 -14.59 -5.12
N ILE A 51 -18.81 -14.98 -5.97
CA ILE A 51 -17.72 -15.85 -5.56
C ILE A 51 -16.47 -14.99 -5.41
N TYR A 52 -15.65 -15.31 -4.41
CA TYR A 52 -14.39 -14.64 -4.14
C TYR A 52 -13.28 -15.65 -4.23
N TRP A 53 -12.14 -15.26 -4.82
CA TRP A 53 -11.00 -16.16 -4.86
C TRP A 53 -9.68 -15.41 -4.84
N THR A 54 -8.67 -16.07 -4.28
CA THR A 54 -7.31 -15.57 -4.38
C THR A 54 -6.57 -16.31 -5.49
N ASP A 55 -5.57 -15.64 -6.05
CA ASP A 55 -4.75 -16.20 -7.11
C ASP A 55 -3.30 -15.93 -6.71
N ILE A 56 -2.61 -16.99 -6.27
CA ILE A 56 -1.27 -16.83 -5.69
C ILE A 56 -0.18 -16.62 -6.74
N SER A 57 -0.47 -16.92 -8.00
CA SER A 57 0.47 -16.62 -9.08
C SER A 57 0.31 -15.17 -9.56
N LEU A 58 -0.93 -14.71 -9.68
CA LEU A 58 -1.19 -13.31 -10.08
C LEU A 58 -1.10 -12.33 -8.92
N LYS A 59 -1.09 -12.83 -7.68
CA LYS A 59 -0.99 -11.99 -6.47
C LYS A 59 -2.21 -11.08 -6.34
N THR A 60 -3.39 -11.66 -6.52
CA THR A 60 -4.64 -10.91 -6.49
C THR A 60 -5.73 -11.61 -5.69
N ILE A 61 -6.74 -10.82 -5.31
CA ILE A 61 -7.97 -11.35 -4.78
C ILE A 61 -9.07 -10.76 -5.64
N SER A 62 -9.95 -11.62 -6.13
CA SER A 62 -10.98 -11.21 -7.09
C SER A 62 -12.35 -11.66 -6.67
N ARG A 63 -13.36 -11.09 -7.33
CA ARG A 63 -14.73 -11.54 -7.18
C ARG A 63 -15.48 -11.42 -8.49
N ALA A 64 -16.59 -12.15 -8.55
CA ALA A 64 -17.46 -12.14 -9.71
C ALA A 64 -18.74 -12.81 -9.32
N PHE A 65 -19.78 -12.57 -10.10
CA PHE A 65 -21.01 -13.34 -9.95
C PHE A 65 -20.70 -14.75 -10.49
N MET A 66 -21.51 -15.72 -10.08
CA MET A 66 -21.36 -17.12 -10.51
C MET A 66 -21.59 -17.31 -12.01
N ASN A 67 -22.21 -16.33 -12.66
CA ASN A 67 -22.30 -16.36 -14.13
C ASN A 67 -21.11 -15.70 -14.81
N GLY A 68 -20.10 -15.34 -14.03
CA GLY A 68 -18.86 -14.78 -14.58
C GLY A 68 -18.86 -13.29 -14.83
N SER A 69 -20.01 -12.64 -14.66
CA SER A 69 -20.12 -11.19 -14.90
C SER A 69 -19.56 -10.41 -13.73
N ALA A 70 -19.23 -9.15 -13.99
CA ALA A 70 -18.77 -8.22 -12.97
C ALA A 70 -17.48 -8.69 -12.31
N LEU A 71 -16.61 -9.28 -13.13
CA LEU A 71 -15.32 -9.80 -12.68
C LEU A 71 -14.44 -8.61 -12.31
N GLU A 72 -13.93 -8.58 -11.09
CA GLU A 72 -13.08 -7.48 -10.68
C GLU A 72 -12.06 -7.89 -9.61
N HIS A 73 -10.90 -7.25 -9.66
CA HIS A 73 -9.84 -7.50 -8.70
C HIS A 73 -10.04 -6.51 -7.57
N VAL A 74 -10.43 -7.02 -6.41
CA VAL A 74 -10.69 -6.16 -5.27
C VAL A 74 -9.42 -5.88 -4.46
N VAL A 75 -8.45 -6.80 -4.53
CA VAL A 75 -7.10 -6.54 -4.03
C VAL A 75 -6.09 -6.97 -5.09
N GLU A 76 -5.27 -6.04 -5.55
CA GLU A 76 -4.29 -6.36 -6.60
C GLU A 76 -2.89 -5.80 -6.35
N PHE A 77 -2.68 -5.13 -5.22
CA PHE A 77 -1.36 -4.62 -4.85
C PHE A 77 -0.96 -5.11 -3.47
N GLY A 78 0.34 -5.25 -3.25
CA GLY A 78 0.89 -5.54 -1.92
C GLY A 78 0.53 -6.90 -1.39
N LEU A 79 0.31 -7.86 -2.29
CA LEU A 79 0.13 -9.25 -1.91
C LEU A 79 1.33 -10.05 -2.42
N ASP A 80 1.56 -11.19 -1.79
CA ASP A 80 2.63 -12.11 -2.16
C ASP A 80 2.04 -13.52 -2.26
N TYR A 81 1.59 -14.06 -1.14
CA TYR A 81 0.97 -15.39 -1.10
C TYR A 81 -0.30 -15.38 -0.27
N PRO A 82 -1.39 -14.86 -0.87
CA PRO A 82 -2.67 -14.75 -0.19
C PRO A 82 -3.38 -16.11 -0.13
N GLU A 83 -2.90 -16.97 0.77
CA GLU A 83 -3.39 -18.36 0.82
C GLU A 83 -4.64 -18.52 1.65
N GLY A 84 -4.88 -17.57 2.57
CA GLY A 84 -6.06 -17.58 3.41
C GLY A 84 -6.96 -16.42 3.07
N MET A 85 -8.26 -16.67 3.05
CA MET A 85 -9.22 -15.64 2.68
C MET A 85 -10.60 -16.06 3.15
N ALA A 86 -11.36 -15.11 3.66
CA ALA A 86 -12.73 -15.37 4.10
C ALA A 86 -13.57 -14.14 4.00
N VAL A 87 -14.84 -14.37 3.71
CA VAL A 87 -15.85 -13.33 3.65
C VAL A 87 -16.55 -13.20 5.01
N ASP A 88 -16.60 -11.97 5.54
CA ASP A 88 -17.45 -11.62 6.68
C ASP A 88 -18.78 -11.13 6.12
N TRP A 89 -19.77 -12.02 6.14
CA TRP A 89 -21.08 -11.79 5.52
C TRP A 89 -22.00 -10.91 6.36
N LEU A 90 -21.60 -10.61 7.59
CA LEU A 90 -22.41 -9.77 8.48
C LEU A 90 -21.95 -8.31 8.43
N GLY A 91 -20.65 -8.10 8.61
CA GLY A 91 -20.06 -6.76 8.48
C GLY A 91 -19.82 -6.32 7.03
N LYS A 92 -19.87 -7.28 6.11
CA LYS A 92 -19.59 -7.06 4.69
C LYS A 92 -18.15 -6.66 4.48
N ASN A 93 -17.25 -7.48 5.04
CA ASN A 93 -15.81 -7.31 4.94
C ASN A 93 -15.18 -8.52 4.29
N LEU A 94 -14.03 -8.29 3.67
CA LEU A 94 -13.18 -9.33 3.13
C LEU A 94 -11.94 -9.41 4.00
N TYR A 95 -11.61 -10.61 4.44
CA TYR A 95 -10.42 -10.85 5.25
C TYR A 95 -9.47 -11.75 4.49
N TRP A 96 -8.18 -11.54 4.68
CA TRP A 96 -7.18 -12.43 4.11
C TRP A 96 -5.90 -12.52 4.93
N ALA A 97 -5.17 -13.61 4.70
CA ALA A 97 -3.89 -13.88 5.32
C ALA A 97 -2.86 -14.07 4.23
N ASP A 98 -1.78 -13.31 4.30
CA ASP A 98 -0.72 -13.43 3.32
C ASP A 98 0.51 -14.07 3.97
N THR A 99 0.84 -15.26 3.48
CA THR A 99 1.95 -16.04 3.98
C THR A 99 3.30 -15.45 3.63
N GLY A 100 3.33 -14.64 2.57
CA GLY A 100 4.56 -13.98 2.12
C GLY A 100 4.86 -12.71 2.90
N THR A 101 3.84 -11.87 3.08
CA THR A 101 4.01 -10.61 3.81
C THR A 101 3.83 -10.76 5.32
N ASN A 102 3.36 -11.92 5.77
CA ASN A 102 3.07 -12.14 7.19
C ASN A 102 2.12 -11.08 7.74
N ARG A 103 0.97 -10.96 7.07
CA ARG A 103 -0.07 -10.01 7.45
C ARG A 103 -1.45 -10.65 7.36
N ILE A 104 -2.30 -10.30 8.31
CA ILE A 104 -3.73 -10.54 8.19
C ILE A 104 -4.39 -9.20 7.98
N GLU A 105 -5.16 -9.07 6.90
CA GLU A 105 -5.73 -7.79 6.52
C GLU A 105 -7.23 -7.88 6.35
N VAL A 106 -7.86 -6.72 6.24
CA VAL A 106 -9.29 -6.62 6.02
C VAL A 106 -9.59 -5.43 5.11
N SER A 107 -10.67 -5.56 4.35
CA SER A 107 -11.22 -4.46 3.58
C SER A 107 -12.72 -4.65 3.47
N LYS A 108 -13.40 -3.67 2.86
CA LYS A 108 -14.77 -3.91 2.41
C LYS A 108 -14.73 -4.97 1.33
N LEU A 109 -15.89 -5.52 1.02
CA LEU A 109 -15.98 -6.61 0.05
C LEU A 109 -15.60 -6.16 -1.36
N ASP A 110 -15.73 -4.85 -1.63
CA ASP A 110 -15.29 -4.31 -2.92
C ASP A 110 -13.83 -3.82 -2.89
N GLY A 111 -13.11 -4.11 -1.81
CA GLY A 111 -11.69 -3.74 -1.71
C GLY A 111 -11.39 -2.40 -1.07
N GLN A 112 -12.42 -1.60 -0.80
CA GLN A 112 -12.20 -0.26 -0.22
C GLN A 112 -11.78 -0.35 1.25
N HIS A 113 -11.03 0.66 1.69
CA HIS A 113 -10.71 0.87 3.11
C HIS A 113 -9.87 -0.23 3.72
N ARG A 114 -8.93 -0.74 2.91
CA ARG A 114 -8.00 -1.77 3.33
C ARG A 114 -7.23 -1.38 4.60
N GLN A 115 -7.11 -2.34 5.51
CA GLN A 115 -6.45 -2.15 6.79
C GLN A 115 -5.71 -3.42 7.18
N VAL A 116 -4.59 -3.27 7.88
CA VAL A 116 -3.84 -4.40 8.38
C VAL A 116 -4.21 -4.63 9.84
N LEU A 117 -4.62 -5.85 10.17
CA LEU A 117 -5.09 -6.16 11.53
C LEU A 117 -4.06 -6.88 12.39
N VAL A 118 -3.24 -7.72 11.76
CA VAL A 118 -2.17 -8.45 12.45
C VAL A 118 -0.93 -8.41 11.57
N TRP A 119 0.20 -8.03 12.14
CA TRP A 119 1.45 -7.94 11.39
C TRP A 119 2.72 -8.21 12.20
N LYS A 120 2.61 -8.25 13.53
CA LYS A 120 3.76 -8.49 14.41
C LYS A 120 3.75 -9.93 14.90
N ASP A 121 4.93 -10.54 14.99
CA ASP A 121 5.08 -11.89 15.52
C ASP A 121 4.15 -12.86 14.80
N LEU A 122 4.13 -12.78 13.48
CA LEU A 122 3.29 -13.60 12.63
C LEU A 122 4.19 -14.35 11.64
N ASP A 123 4.13 -15.69 11.67
CA ASP A 123 5.00 -16.54 10.85
C ASP A 123 4.20 -17.50 9.99
N SER A 124 3.97 -17.10 8.74
CA SER A 124 3.27 -17.91 7.75
C SER A 124 1.84 -18.26 8.18
N PRO A 125 0.98 -17.23 8.30
CA PRO A 125 -0.44 -17.48 8.53
C PRO A 125 -1.05 -18.07 7.25
N ARG A 126 -1.94 -19.04 7.39
CA ARG A 126 -2.40 -19.82 6.23
C ARG A 126 -3.92 -19.83 6.10
N ALA A 127 -4.58 -20.72 6.83
CA ALA A 127 -6.02 -20.94 6.70
C ALA A 127 -6.78 -20.05 7.69
N LEU A 128 -7.73 -19.26 7.20
CA LEU A 128 -8.46 -18.28 8.00
C LEU A 128 -9.92 -18.73 8.09
N ALA A 129 -10.51 -18.58 9.28
CA ALA A 129 -11.94 -18.85 9.50
C ALA A 129 -12.55 -17.75 10.37
N LEU A 130 -13.74 -17.27 10.01
CA LEU A 130 -14.37 -16.17 10.70
C LEU A 130 -15.64 -16.60 11.39
N ASP A 131 -15.88 -16.01 12.55
CA ASP A 131 -17.11 -16.21 13.28
C ASP A 131 -17.63 -14.82 13.66
N PRO A 132 -18.13 -14.06 12.66
CA PRO A 132 -18.59 -12.68 12.92
C PRO A 132 -19.74 -12.56 13.92
N ALA A 133 -20.54 -13.61 14.10
CA ALA A 133 -21.63 -13.58 15.08
C ALA A 133 -21.11 -13.54 16.51
N GLU A 134 -19.94 -14.13 16.73
CA GLU A 134 -19.24 -14.13 18.03
C GLU A 134 -18.14 -13.08 18.11
N GLY A 135 -17.61 -12.64 16.97
CA GLY A 135 -16.59 -11.60 16.94
C GLY A 135 -15.16 -12.11 17.02
N PHE A 136 -14.94 -13.38 16.70
CA PHE A 136 -13.59 -13.99 16.71
C PHE A 136 -13.21 -14.48 15.32
N MET A 137 -11.92 -14.43 15.03
CA MET A 137 -11.35 -15.07 13.85
C MET A 137 -10.24 -16.01 14.29
N TYR A 138 -9.95 -16.98 13.43
CA TYR A 138 -9.06 -18.09 13.74
C TYR A 138 -8.21 -18.34 12.51
N TRP A 139 -6.94 -18.67 12.74
CA TRP A 139 -6.06 -19.02 11.63
C TRP A 139 -4.97 -19.97 12.07
N THR A 140 -4.44 -20.68 11.09
CA THR A 140 -3.33 -21.58 11.33
C THR A 140 -2.05 -20.86 10.96
N GLU A 141 -0.97 -21.26 11.62
CA GLU A 141 0.35 -20.79 11.30
C GLU A 141 1.24 -22.00 11.12
N TRP A 142 2.02 -21.99 10.07
CA TRP A 142 3.00 -23.04 9.84
C TRP A 142 4.33 -22.49 10.37
N GLY A 143 5.38 -22.49 9.54
CA GLY A 143 6.66 -21.91 9.94
C GLY A 143 7.37 -22.71 11.02
N GLY A 144 7.96 -22.00 11.98
CA GLY A 144 8.79 -22.62 13.02
C GLY A 144 8.04 -23.56 13.94
N LYS A 145 7.16 -23.01 14.76
CA LYS A 145 6.35 -23.80 15.69
C LYS A 145 4.88 -23.65 15.30
N PRO A 146 4.33 -24.63 14.56
CA PRO A 146 2.96 -24.49 14.10
C PRO A 146 1.94 -24.38 15.23
N LYS A 147 0.88 -23.63 14.98
CA LYS A 147 -0.15 -23.38 15.97
C LYS A 147 -1.39 -22.83 15.30
N ILE A 148 -2.49 -22.85 16.04
CA ILE A 148 -3.71 -22.18 15.63
C ILE A 148 -3.91 -21.00 16.55
N ASP A 149 -4.14 -19.83 15.97
CA ASP A 149 -4.36 -18.60 16.75
C ASP A 149 -5.82 -18.15 16.66
N ARG A 150 -6.20 -17.32 17.63
CA ARG A 150 -7.51 -16.67 17.66
C ARG A 150 -7.30 -15.18 17.93
N ALA A 151 -8.12 -14.35 17.32
CA ALA A 151 -8.17 -12.94 17.70
C ALA A 151 -9.60 -12.44 17.54
N ALA A 152 -9.90 -11.30 18.15
CA ALA A 152 -11.13 -10.59 17.82
C ALA A 152 -11.00 -10.18 16.35
N MET A 153 -12.13 -9.92 15.70
CA MET A 153 -12.12 -9.62 14.27
C MET A 153 -11.70 -8.18 13.94
N ASP A 154 -11.27 -7.44 14.96
CA ASP A 154 -10.56 -6.18 14.74
C ASP A 154 -9.05 -6.36 14.96
N GLY A 155 -8.62 -7.60 15.14
CA GLY A 155 -7.21 -7.92 15.40
C GLY A 155 -6.81 -7.93 16.87
N SER A 156 -7.65 -7.38 17.74
CA SER A 156 -7.32 -7.30 19.17
C SER A 156 -7.33 -8.68 19.85
N GLU A 157 -6.83 -8.70 21.08
CA GLU A 157 -6.78 -9.88 21.95
C GLU A 157 -6.36 -11.16 21.21
N ARG A 158 -5.23 -11.08 20.51
CA ARG A 158 -4.66 -12.21 19.83
C ARG A 158 -4.09 -13.18 20.86
N THR A 159 -4.39 -14.46 20.71
CA THR A 159 -3.83 -15.51 21.53
C THR A 159 -3.59 -16.75 20.69
N THR A 160 -2.78 -17.66 21.22
CA THR A 160 -2.62 -18.98 20.67
C THR A 160 -3.75 -19.84 21.24
N LEU A 161 -4.58 -20.37 20.36
CA LEU A 161 -5.72 -21.19 20.77
C LEU A 161 -5.31 -22.65 20.91
N VAL A 162 -4.59 -23.16 19.92
CA VAL A 162 -4.10 -24.54 19.92
C VAL A 162 -2.60 -24.57 19.66
N PRO A 163 -1.80 -24.81 20.71
CA PRO A 163 -0.33 -24.77 20.57
C PRO A 163 0.29 -26.05 20.01
N ASN A 164 -0.36 -27.20 20.22
CA ASN A 164 0.21 -28.49 19.84
C ASN A 164 -0.44 -29.08 18.59
N VAL A 165 0.02 -28.62 17.43
CA VAL A 165 -0.43 -29.15 16.14
C VAL A 165 0.71 -29.15 15.14
N GLY A 166 0.58 -29.98 14.11
CA GLY A 166 1.43 -29.88 12.93
C GLY A 166 0.92 -28.77 12.01
N ARG A 167 1.43 -28.74 10.79
CA ARG A 167 0.96 -27.80 9.78
C ARG A 167 -0.52 -28.08 9.50
N ALA A 168 -1.38 -27.13 9.87
CA ALA A 168 -2.81 -27.30 9.81
C ALA A 168 -3.43 -26.49 8.67
N ASN A 169 -4.46 -27.07 8.05
CA ASN A 169 -5.15 -26.41 6.95
C ASN A 169 -6.66 -26.62 7.07
N GLY A 170 -7.40 -25.99 6.16
CA GLY A 170 -8.85 -26.20 6.03
C GLY A 170 -9.66 -25.89 7.27
N LEU A 171 -9.22 -24.89 8.02
CA LEU A 171 -9.84 -24.54 9.28
C LEU A 171 -11.30 -24.17 9.01
N THR A 172 -12.22 -24.87 9.69
CA THR A 172 -13.65 -24.76 9.42
C THR A 172 -14.42 -24.79 10.73
N ILE A 173 -15.40 -23.91 10.84
CA ILE A 173 -16.23 -23.82 12.03
C ILE A 173 -17.58 -24.44 11.74
N ASP A 174 -18.03 -25.34 12.62
CA ASP A 174 -19.42 -25.76 12.65
C ASP A 174 -20.16 -24.79 13.57
N TYR A 175 -20.86 -23.83 12.98
CA TYR A 175 -21.45 -22.74 13.75
C TYR A 175 -22.61 -23.22 14.58
N ALA A 176 -23.34 -24.22 14.09
CA ALA A 176 -24.49 -24.79 14.81
C ALA A 176 -24.06 -25.54 16.07
N LYS A 177 -22.95 -26.28 15.98
CA LYS A 177 -22.48 -27.15 17.07
C LYS A 177 -21.30 -26.57 17.87
N ARG A 178 -20.75 -25.45 17.43
CA ARG A 178 -19.69 -24.74 18.18
C ARG A 178 -18.43 -25.58 18.24
N ARG A 179 -18.02 -26.11 17.09
CA ARG A 179 -16.79 -26.89 16.99
C ARG A 179 -15.90 -26.38 15.85
N LEU A 180 -14.59 -26.49 16.06
CA LEU A 180 -13.59 -26.06 15.10
C LEU A 180 -12.96 -27.30 14.50
N TYR A 181 -12.89 -27.38 13.17
CA TYR A 181 -12.29 -28.51 12.45
C TYR A 181 -11.05 -28.06 11.70
N TRP A 182 -10.04 -28.93 11.64
CA TRP A 182 -8.88 -28.67 10.80
C TRP A 182 -8.21 -29.96 10.35
N THR A 183 -7.37 -29.84 9.33
CA THR A 183 -6.53 -30.94 8.87
C THR A 183 -5.14 -30.77 9.46
N ASP A 184 -4.40 -31.85 9.56
CA ASP A 184 -3.02 -31.79 10.02
C ASP A 184 -2.19 -32.59 9.04
N LEU A 185 -1.37 -31.86 8.28
CA LEU A 185 -0.54 -32.45 7.23
C LEU A 185 0.57 -33.32 7.78
N ASP A 186 0.98 -33.10 9.03
CA ASP A 186 2.11 -33.85 9.60
C ASP A 186 1.66 -35.04 10.44
N THR A 187 0.61 -34.87 11.22
CA THR A 187 0.07 -35.98 12.01
C THR A 187 -0.86 -36.88 11.17
N ASN A 188 -1.23 -36.38 9.98
CA ASN A 188 -1.95 -37.16 8.95
C ASN A 188 -3.38 -37.47 9.33
N LEU A 189 -4.11 -36.43 9.70
CA LEU A 189 -5.47 -36.60 10.21
C LEU A 189 -6.31 -35.34 10.11
N ILE A 190 -7.59 -35.53 10.38
CA ILE A 190 -8.55 -34.45 10.51
C ILE A 190 -9.07 -34.54 11.94
N GLU A 191 -9.14 -33.40 12.61
CA GLU A 191 -9.62 -33.41 13.98
C GLU A 191 -10.50 -32.22 14.26
N SER A 192 -11.18 -32.27 15.38
CA SER A 192 -11.99 -31.15 15.80
C SER A 192 -11.79 -30.88 17.27
N SER A 193 -12.16 -29.67 17.68
CA SER A 193 -12.11 -29.23 19.06
C SER A 193 -13.34 -28.37 19.33
N ASN A 194 -13.56 -28.04 20.60
CA ASN A 194 -14.52 -27.00 20.92
C ASN A 194 -13.88 -25.65 20.60
N MET A 195 -14.61 -24.56 20.78
CA MET A 195 -14.13 -23.26 20.33
C MET A 195 -12.93 -22.72 21.13
N LEU A 196 -12.64 -23.34 22.27
CA LEU A 196 -11.50 -22.96 23.09
C LEU A 196 -10.27 -23.81 22.79
N GLY A 197 -10.32 -24.65 21.76
CA GLY A 197 -9.21 -25.52 21.41
C GLY A 197 -9.02 -26.66 22.38
N LEU A 198 -10.08 -27.01 23.10
CA LEU A 198 -10.06 -28.12 24.06
C LEU A 198 -10.98 -29.24 23.55
N ASN A 199 -11.04 -30.35 24.29
CA ASN A 199 -11.85 -31.50 23.89
C ASN A 199 -11.57 -31.91 22.45
N ARG A 200 -10.30 -32.11 22.13
CA ARG A 200 -9.90 -32.47 20.77
C ARG A 200 -10.24 -33.92 20.47
N GLU A 201 -10.74 -34.17 19.27
CA GLU A 201 -11.12 -35.50 18.83
C GLU A 201 -10.67 -35.72 17.38
N VAL A 202 -10.02 -36.86 17.12
CA VAL A 202 -9.63 -37.24 15.78
C VAL A 202 -10.83 -37.85 15.06
N ILE A 203 -11.16 -37.31 13.89
CA ILE A 203 -12.32 -37.75 13.09
C ILE A 203 -11.90 -38.76 12.03
N ALA A 204 -10.78 -38.51 11.36
CA ALA A 204 -10.23 -39.43 10.38
C ALA A 204 -8.72 -39.40 10.46
N ASP A 205 -8.08 -40.56 10.36
CA ASP A 205 -6.62 -40.62 10.37
C ASP A 205 -6.12 -41.41 9.16
N ASP A 206 -4.80 -41.62 9.09
CA ASP A 206 -4.17 -42.27 7.93
C ASP A 206 -4.45 -41.51 6.63
N LEU A 207 -4.41 -40.19 6.73
CA LEU A 207 -4.52 -39.29 5.57
C LEU A 207 -3.18 -38.58 5.40
N PRO A 208 -2.34 -39.03 4.45
CA PRO A 208 -0.98 -38.48 4.34
C PRO A 208 -0.89 -36.97 4.09
N HIS A 209 -1.88 -36.39 3.43
CA HIS A 209 -1.84 -34.96 3.10
C HIS A 209 -3.25 -34.41 2.87
N PRO A 210 -4.06 -34.34 3.93
CA PRO A 210 -5.39 -33.73 3.83
C PRO A 210 -5.27 -32.22 3.74
N PHE A 211 -5.40 -31.69 2.53
CA PHE A 211 -5.07 -30.30 2.25
C PHE A 211 -6.24 -29.35 2.39
N GLY A 212 -7.44 -29.85 2.13
CA GLY A 212 -8.65 -29.02 2.19
C GLY A 212 -9.72 -29.69 3.01
N LEU A 213 -10.61 -28.89 3.57
CA LEU A 213 -11.65 -29.40 4.45
C LEU A 213 -12.80 -28.42 4.49
N THR A 214 -14.02 -28.95 4.52
CA THR A 214 -15.17 -28.12 4.81
C THR A 214 -16.23 -29.00 5.49
N GLN A 215 -17.33 -28.38 5.90
CA GLN A 215 -18.34 -29.09 6.67
C GLN A 215 -19.71 -28.60 6.26
N TYR A 216 -20.66 -29.51 6.17
CA TYR A 216 -22.05 -29.18 5.87
C TYR A 216 -22.96 -30.21 6.53
N GLN A 217 -23.88 -29.71 7.37
CA GLN A 217 -24.82 -30.54 8.10
C GLN A 217 -24.06 -31.63 8.88
N ASP A 218 -24.36 -32.91 8.65
CA ASP A 218 -23.75 -34.00 9.40
C ASP A 218 -22.41 -34.50 8.84
N TYR A 219 -21.91 -33.86 7.78
CA TYR A 219 -20.75 -34.36 7.06
C TYR A 219 -19.58 -33.39 7.03
N ILE A 220 -18.36 -33.94 7.06
CA ILE A 220 -17.18 -33.19 6.64
C ILE A 220 -16.78 -33.66 5.25
N TYR A 221 -16.18 -32.75 4.49
CA TYR A 221 -15.67 -33.03 3.17
C TYR A 221 -14.20 -32.67 3.16
N TRP A 222 -13.35 -33.51 2.57
CA TRP A 222 -11.94 -33.19 2.47
C TRP A 222 -11.33 -33.63 1.16
N THR A 223 -10.13 -33.14 0.91
CA THR A 223 -9.34 -33.61 -0.22
C THR A 223 -7.92 -33.91 0.28
N ASP A 224 -7.46 -35.12 -0.03
CA ASP A 224 -6.13 -35.57 0.31
C ASP A 224 -5.35 -35.74 -0.99
N TRP A 225 -4.19 -35.11 -1.07
CA TRP A 225 -3.37 -35.15 -2.30
C TRP A 225 -2.86 -36.53 -2.68
N SER A 226 -2.67 -37.41 -1.69
CA SER A 226 -2.21 -38.77 -1.98
C SER A 226 -3.30 -39.63 -2.62
N ARG A 227 -4.55 -39.32 -2.27
CA ARG A 227 -5.72 -40.05 -2.79
C ARG A 227 -6.29 -39.42 -4.06
N ARG A 228 -5.97 -38.14 -4.29
CA ARG A 228 -6.39 -37.43 -5.51
C ARG A 228 -7.91 -37.44 -5.65
N SER A 229 -8.59 -37.15 -4.55
CA SER A 229 -10.03 -37.24 -4.51
C SER A 229 -10.62 -36.23 -3.55
N ILE A 230 -11.92 -36.02 -3.68
CA ILE A 230 -12.70 -35.35 -2.67
C ILE A 230 -13.56 -36.41 -2.00
N GLU A 231 -13.52 -36.46 -0.68
CA GLU A 231 -14.25 -37.45 0.10
C GLU A 231 -15.17 -36.79 1.12
N ARG A 232 -16.08 -37.60 1.64
CA ARG A 232 -17.06 -37.19 2.62
C ARG A 232 -17.11 -38.23 3.74
N ALA A 233 -17.24 -37.77 4.97
CA ALA A 233 -17.48 -38.66 6.13
C ALA A 233 -18.38 -38.00 7.14
N ASN A 234 -18.98 -38.83 7.99
CA ASN A 234 -19.77 -38.35 9.12
C ASN A 234 -18.87 -37.49 10.03
N LYS A 235 -19.30 -36.26 10.34
CA LYS A 235 -18.45 -35.30 11.06
C LYS A 235 -18.16 -35.68 12.52
N THR A 236 -19.04 -36.48 13.12
CA THR A 236 -18.87 -36.86 14.52
C THR A 236 -18.19 -38.23 14.64
N SER A 237 -18.72 -39.22 13.92
CA SER A 237 -18.20 -40.59 13.99
C SER A 237 -17.00 -40.83 13.06
N GLY A 238 -16.95 -40.12 11.94
CA GLY A 238 -15.94 -40.37 10.92
C GLY A 238 -16.25 -41.58 10.04
N GLN A 239 -17.45 -42.14 10.19
CA GLN A 239 -17.90 -43.29 9.43
C GLN A 239 -18.67 -42.84 8.18
N ASN A 240 -19.30 -43.79 7.50
CA ASN A 240 -20.10 -43.48 6.31
C ASN A 240 -19.26 -42.74 5.28
N ARG A 241 -18.01 -43.19 5.11
CA ARG A 241 -17.06 -42.52 4.24
C ARG A 241 -17.34 -42.90 2.78
N THR A 242 -17.38 -41.90 1.91
CA THR A 242 -17.60 -42.12 0.49
C THR A 242 -16.77 -41.15 -0.34
N ILE A 243 -16.52 -41.53 -1.59
CA ILE A 243 -15.81 -40.67 -2.54
C ILE A 243 -16.84 -39.83 -3.28
N ILE A 244 -16.65 -38.52 -3.26
CA ILE A 244 -17.51 -37.60 -4.02
C ILE A 244 -17.05 -37.54 -5.46
N GLN A 245 -15.76 -37.32 -5.67
CA GLN A 245 -15.17 -37.29 -7.01
C GLN A 245 -13.69 -37.66 -6.94
N GLY A 246 -13.26 -38.54 -7.84
CA GLY A 246 -11.88 -39.00 -7.88
C GLY A 246 -11.12 -38.39 -9.03
N HIS A 247 -9.86 -38.78 -9.17
CA HIS A 247 -8.97 -38.28 -10.23
C HIS A 247 -8.86 -36.76 -10.22
N LEU A 248 -8.79 -36.19 -9.01
CA LEU A 248 -8.57 -34.75 -8.82
C LEU A 248 -7.29 -34.53 -8.05
N ASP A 249 -6.18 -34.33 -8.76
CA ASP A 249 -4.90 -34.11 -8.08
C ASP A 249 -4.75 -32.64 -7.67
N TYR A 250 -4.13 -32.43 -6.51
CA TYR A 250 -3.68 -31.11 -6.06
C TYR A 250 -4.81 -30.08 -6.01
N VAL A 251 -5.93 -30.47 -5.42
CA VAL A 251 -7.03 -29.54 -5.14
C VAL A 251 -6.55 -28.59 -4.04
N MET A 252 -6.71 -27.29 -4.28
CA MET A 252 -6.16 -26.26 -3.39
C MET A 252 -7.11 -25.81 -2.29
N ASP A 253 -8.41 -25.85 -2.54
CA ASP A 253 -9.40 -25.43 -1.56
C ASP A 253 -10.75 -26.06 -1.89
N ILE A 254 -11.58 -26.22 -0.87
CA ILE A 254 -12.95 -26.69 -1.03
C ILE A 254 -13.89 -25.89 -0.13
N LEU A 255 -15.10 -25.68 -0.62
CA LEU A 255 -16.04 -24.76 0.01
C LEU A 255 -17.45 -25.27 -0.24
N VAL A 256 -18.20 -25.50 0.83
CA VAL A 256 -19.63 -25.78 0.71
C VAL A 256 -20.36 -24.46 0.50
N PHE A 257 -21.02 -24.36 -0.65
CA PHE A 257 -21.76 -23.18 -1.03
C PHE A 257 -23.23 -23.41 -0.69
N HIS A 258 -23.70 -22.76 0.39
CA HIS A 258 -25.09 -22.83 0.83
C HIS A 258 -25.36 -21.72 1.87
N SER A 259 -26.58 -21.19 1.85
CA SER A 259 -26.95 -20.05 2.71
C SER A 259 -26.87 -20.38 4.21
N SER A 260 -27.09 -21.64 4.57
CA SER A 260 -27.02 -22.06 5.97
C SER A 260 -25.62 -21.99 6.57
N ARG A 261 -24.59 -21.92 5.72
CA ARG A 261 -23.22 -21.70 6.17
C ARG A 261 -22.90 -20.24 6.48
N GLN A 262 -23.79 -19.33 6.09
CA GLN A 262 -23.64 -17.89 6.37
C GLN A 262 -24.92 -17.35 7.00
N SER A 263 -25.15 -17.77 8.24
CA SER A 263 -26.35 -17.38 8.97
C SER A 263 -25.96 -16.49 10.13
N GLY A 264 -26.86 -16.33 11.08
CA GLY A 264 -26.60 -15.57 12.29
C GLY A 264 -26.82 -14.09 12.10
N TRP A 265 -26.35 -13.32 13.08
CA TRP A 265 -26.60 -11.91 13.14
C TRP A 265 -25.48 -11.28 13.99
N ASN A 266 -25.28 -9.98 13.86
CA ASN A 266 -24.52 -9.23 14.85
C ASN A 266 -24.93 -7.76 14.86
N GLU A 267 -24.41 -7.00 15.82
CA GLU A 267 -24.85 -5.63 16.05
C GLU A 267 -24.47 -4.62 14.97
N CYS A 268 -23.68 -5.02 13.97
CA CYS A 268 -23.45 -4.14 12.83
C CYS A 268 -24.82 -3.83 12.18
N ALA A 269 -25.74 -4.79 12.26
CA ALA A 269 -27.11 -4.66 11.75
C ALA A 269 -27.12 -4.37 10.24
N SER A 270 -28.04 -3.52 9.79
CA SER A 270 -28.13 -3.17 8.37
C SER A 270 -27.53 -1.79 8.07
N SER A 271 -26.76 -1.26 9.02
CA SER A 271 -26.27 0.12 8.93
C SER A 271 -24.75 0.22 9.11
N ASN A 272 -24.03 -0.88 8.92
CA ASN A 272 -22.57 -0.91 9.10
C ASN A 272 -22.18 -0.44 10.50
N GLY A 273 -23.06 -0.69 11.49
CA GLY A 273 -22.85 -0.21 12.86
C GLY A 273 -22.78 1.30 12.99
N HIS A 274 -23.26 2.02 11.97
CA HIS A 274 -23.04 3.46 11.79
C HIS A 274 -21.56 3.87 11.77
N CYS A 275 -20.71 2.95 11.34
CA CYS A 275 -19.29 3.23 11.18
C CYS A 275 -19.10 3.89 9.82
N SER A 276 -18.23 4.89 9.76
CA SER A 276 -17.96 5.55 8.49
C SER A 276 -17.24 4.63 7.49
N HIS A 277 -16.38 3.75 7.99
CA HIS A 277 -15.57 2.92 7.11
C HIS A 277 -15.80 1.43 7.34
N LEU A 278 -15.07 0.83 8.28
CA LEU A 278 -15.20 -0.59 8.58
C LEU A 278 -16.03 -0.83 9.85
N CYS A 279 -16.90 -1.83 9.79
CA CYS A 279 -17.58 -2.35 10.99
C CYS A 279 -16.96 -3.71 11.28
N LEU A 280 -16.19 -3.78 12.35
CA LEU A 280 -15.40 -4.98 12.66
C LEU A 280 -15.95 -5.66 13.91
N ALA A 281 -16.32 -6.93 13.79
CA ALA A 281 -16.93 -7.65 14.90
C ALA A 281 -15.93 -7.90 16.02
N VAL A 282 -16.40 -7.77 17.27
CA VAL A 282 -15.62 -8.12 18.45
C VAL A 282 -16.55 -8.80 19.45
N PRO A 283 -15.99 -9.61 20.37
CA PRO A 283 -16.86 -10.39 21.26
C PRO A 283 -17.68 -9.50 22.20
N VAL A 284 -18.91 -9.88 22.56
CA VAL A 284 -19.64 -11.04 22.02
C VAL A 284 -20.84 -10.51 21.23
N GLY A 285 -20.83 -10.74 19.91
CA GLY A 285 -21.88 -10.22 19.03
C GLY A 285 -21.81 -8.72 18.76
N GLY A 286 -20.76 -8.06 19.26
CA GLY A 286 -20.62 -6.62 19.14
C GLY A 286 -19.70 -6.22 18.01
N PHE A 287 -19.29 -4.95 17.99
CA PHE A 287 -18.42 -4.44 16.96
C PHE A 287 -17.64 -3.22 17.42
N VAL A 288 -16.56 -2.92 16.71
CA VAL A 288 -15.90 -1.62 16.80
C VAL A 288 -15.83 -1.05 15.39
N CYS A 289 -15.77 0.27 15.29
CA CYS A 289 -15.57 0.90 13.99
C CYS A 289 -14.08 0.89 13.72
N GLY A 290 -13.73 0.55 12.50
CA GLY A 290 -12.34 0.43 12.08
C GLY A 290 -12.08 1.43 10.98
N CYS A 291 -10.81 1.66 10.71
CA CYS A 291 -10.40 2.66 9.72
C CYS A 291 -9.45 2.07 8.71
N PRO A 292 -9.34 2.71 7.54
CA PRO A 292 -8.31 2.30 6.60
C PRO A 292 -6.91 2.46 7.20
N ALA A 293 -5.94 1.74 6.64
CA ALA A 293 -4.55 1.85 7.10
C ALA A 293 -4.12 3.31 7.22
N HIS A 294 -3.56 3.64 8.38
CA HIS A 294 -2.99 4.96 8.70
C HIS A 294 -4.02 6.04 9.05
N TYR A 295 -5.31 5.71 8.95
CA TYR A 295 -6.35 6.61 9.42
C TYR A 295 -6.49 6.44 10.93
N SER A 296 -7.01 7.46 11.59
CA SER A 296 -7.29 7.38 13.03
C SER A 296 -8.79 7.44 13.27
N LEU A 297 -9.25 6.76 14.31
CA LEU A 297 -10.66 6.80 14.71
C LEU A 297 -10.90 8.03 15.57
N ASN A 298 -11.89 8.83 15.18
CA ASN A 298 -12.23 10.05 15.91
C ASN A 298 -12.82 9.79 17.29
N ALA A 299 -12.95 10.84 18.08
CA ALA A 299 -13.48 10.75 19.46
C ALA A 299 -14.89 10.15 19.53
N ASP A 300 -15.69 10.31 18.47
CA ASP A 300 -17.04 9.73 18.43
C ASP A 300 -17.07 8.20 18.26
N ASN A 301 -15.89 7.60 18.08
CA ASN A 301 -15.73 6.15 17.87
C ASN A 301 -16.45 5.59 16.63
N ARG A 302 -16.82 6.47 15.69
CA ARG A 302 -17.59 6.06 14.50
C ARG A 302 -16.97 6.54 13.18
N THR A 303 -16.34 7.72 13.18
CA THR A 303 -15.82 8.31 11.95
C THR A 303 -14.28 8.32 11.94
N CYS A 304 -13.69 8.22 10.75
CA CYS A 304 -12.23 8.13 10.61
C CYS A 304 -11.63 9.38 10.00
N SER A 305 -10.36 9.64 10.31
CA SER A 305 -9.63 10.78 9.74
C SER A 305 -8.37 10.28 9.06
N ALA A 306 -8.09 10.80 7.87
CA ALA A 306 -6.86 10.51 7.14
C ALA A 306 -5.62 10.95 7.93
N PRO A 307 -4.46 10.32 7.66
CA PRO A 307 -3.25 10.76 8.34
C PRO A 307 -2.89 12.19 7.95
N THR A 308 -2.52 13.00 8.94
CA THR A 308 -2.18 14.41 8.73
C THR A 308 -0.75 14.57 8.19
N THR A 309 0.09 13.59 8.50
CA THR A 309 1.49 13.63 8.09
C THR A 309 1.98 12.22 7.87
N PHE A 310 2.86 12.04 6.89
CA PHE A 310 3.38 10.73 6.55
C PHE A 310 4.60 10.86 5.66
N LEU A 311 5.26 9.74 5.42
CA LEU A 311 6.36 9.68 4.49
C LEU A 311 6.02 8.77 3.33
N LEU A 312 6.38 9.22 2.13
CA LEU A 312 6.24 8.43 0.92
C LEU A 312 7.64 7.97 0.50
N PHE A 313 7.75 6.75 0.00
CA PHE A 313 8.99 6.32 -0.59
C PHE A 313 8.70 5.42 -1.77
N SER A 314 9.47 5.60 -2.83
CA SER A 314 9.21 4.93 -4.08
C SER A 314 10.29 3.90 -4.35
N GLN A 315 9.87 2.84 -5.03
CA GLN A 315 10.78 1.88 -5.61
C GLN A 315 10.56 1.99 -7.11
N LYS A 316 11.33 1.22 -7.88
CA LYS A 316 11.16 1.20 -9.34
C LYS A 316 9.69 1.05 -9.75
N SER A 317 8.96 0.12 -9.11
CA SER A 317 7.61 -0.21 -9.54
C SER A 317 6.57 -0.09 -8.43
N ALA A 318 6.86 0.73 -7.42
CA ALA A 318 5.92 0.89 -6.32
C ALA A 318 6.13 2.22 -5.62
N ILE A 319 5.02 2.77 -5.11
CA ILE A 319 5.07 3.92 -4.24
C ILE A 319 4.44 3.51 -2.92
N ASN A 320 5.18 3.73 -1.84
CA ASN A 320 4.79 3.28 -0.51
C ASN A 320 4.53 4.47 0.41
N ARG A 321 3.72 4.24 1.43
CA ARG A 321 3.45 5.23 2.46
C ARG A 321 3.73 4.62 3.84
N MET A 322 4.39 5.39 4.69
CA MET A 322 4.59 5.01 6.09
C MET A 322 4.25 6.16 7.02
N VAL A 323 3.87 5.83 8.25
CA VAL A 323 3.60 6.81 9.28
C VAL A 323 4.49 6.52 10.48
N ILE A 324 4.73 7.55 11.29
CA ILE A 324 5.36 7.40 12.60
C ILE A 324 4.26 7.48 13.65
N ASP A 325 3.99 6.37 14.32
CA ASP A 325 2.96 6.33 15.36
C ASP A 325 3.30 5.33 16.48
N GLU A 326 2.51 5.39 17.55
CA GLU A 326 2.74 4.59 18.75
C GLU A 326 2.50 3.09 18.51
N GLN A 327 1.53 2.77 17.66
CA GLN A 327 1.26 1.38 17.25
C GLN A 327 2.38 0.77 16.40
N GLN A 328 3.21 1.64 15.82
CA GLN A 328 4.19 1.24 14.79
C GLN A 328 3.47 0.58 13.62
N SER A 329 2.43 1.25 13.13
CA SER A 329 1.64 0.76 12.00
C SER A 329 2.56 0.41 10.83
N PRO A 330 2.22 -0.64 10.06
CA PRO A 330 3.09 -1.04 8.98
C PRO A 330 2.98 -0.12 7.76
N ASP A 331 4.03 -0.14 6.94
CA ASP A 331 4.02 0.55 5.65
C ASP A 331 3.03 -0.14 4.71
N ILE A 332 2.44 0.64 3.81
CA ILE A 332 1.55 0.09 2.80
C ILE A 332 2.00 0.51 1.40
N ILE A 333 1.63 -0.29 0.41
CA ILE A 333 1.86 0.07 -0.99
C ILE A 333 0.61 0.80 -1.47
N LEU A 334 0.79 1.90 -2.20
CA LEU A 334 -0.34 2.64 -2.75
C LEU A 334 -0.80 1.95 -4.02
N PRO A 335 -2.13 1.77 -4.18
CA PRO A 335 -2.64 0.98 -5.31
C PRO A 335 -2.71 1.78 -6.62
N ILE A 336 -1.54 2.21 -7.08
CA ILE A 336 -1.45 3.06 -8.26
C ILE A 336 -1.07 2.22 -9.47
N HIS A 337 -1.93 2.23 -10.47
CA HIS A 337 -1.74 1.40 -11.66
C HIS A 337 -0.68 1.96 -12.59
N SER A 338 -0.07 1.05 -13.36
CA SER A 338 0.82 1.37 -14.48
C SER A 338 2.17 2.01 -14.10
N LEU A 339 2.66 1.74 -12.89
CA LEU A 339 4.03 2.11 -12.53
C LEU A 339 5.01 1.20 -13.25
N ARG A 340 6.10 1.77 -13.75
CA ARG A 340 7.11 0.98 -14.49
C ARG A 340 8.51 1.24 -14.01
N ASN A 341 8.88 2.52 -13.90
CA ASN A 341 10.20 2.94 -13.48
C ASN A 341 10.11 4.31 -12.83
N VAL A 342 9.69 4.33 -11.57
CA VAL A 342 9.52 5.57 -10.83
C VAL A 342 10.87 6.12 -10.41
N ARG A 343 11.20 7.31 -10.90
CA ARG A 343 12.49 7.92 -10.63
C ARG A 343 12.45 8.97 -9.53
N ALA A 344 11.27 9.55 -9.31
CA ALA A 344 11.13 10.68 -8.40
C ALA A 344 9.65 10.93 -8.10
N ILE A 345 9.37 11.40 -6.89
CA ILE A 345 7.99 11.61 -6.45
C ILE A 345 7.81 12.97 -5.76
N ASP A 346 6.57 13.45 -5.77
CA ASP A 346 6.18 14.64 -5.01
C ASP A 346 4.69 14.46 -4.67
N TYR A 347 4.16 15.37 -3.87
CA TYR A 347 2.79 15.24 -3.40
C TYR A 347 2.19 16.62 -3.22
N ASP A 348 0.96 16.79 -3.72
CA ASP A 348 0.20 18.02 -3.52
C ASP A 348 -0.75 17.81 -2.34
N PRO A 349 -0.50 18.51 -1.21
CA PRO A 349 -1.32 18.31 -0.02
C PRO A 349 -2.66 19.05 -0.07
N LEU A 350 -2.89 19.90 -1.06
CA LEU A 350 -4.16 20.61 -1.20
C LEU A 350 -5.22 19.68 -1.78
N ASP A 351 -4.92 19.09 -2.94
CA ASP A 351 -5.85 18.18 -3.61
C ASP A 351 -5.58 16.70 -3.28
N LYS A 352 -4.53 16.45 -2.50
CA LYS A 352 -4.20 15.10 -2.03
C LYS A 352 -3.89 14.18 -3.21
N GLN A 353 -2.94 14.61 -4.04
CA GLN A 353 -2.56 13.85 -5.22
C GLN A 353 -1.05 13.63 -5.29
N LEU A 354 -0.70 12.41 -5.66
CA LEU A 354 0.67 11.96 -5.78
C LEU A 354 1.13 12.25 -7.20
N TYR A 355 2.36 12.76 -7.34
CA TYR A 355 2.97 13.05 -8.62
C TYR A 355 4.25 12.24 -8.71
N TRP A 356 4.60 11.76 -9.90
CA TRP A 356 5.87 11.08 -10.08
C TRP A 356 6.39 11.18 -11.50
N ILE A 357 7.70 10.95 -11.65
CA ILE A 357 8.32 10.76 -12.95
C ILE A 357 8.45 9.27 -13.22
N ASP A 358 8.02 8.86 -14.40
CA ASP A 358 8.28 7.50 -14.86
C ASP A 358 9.30 7.56 -15.99
N SER A 359 10.47 6.96 -15.77
CA SER A 359 11.57 7.10 -16.72
C SER A 359 11.48 6.12 -17.89
N ARG A 360 10.63 5.11 -17.77
CA ARG A 360 10.39 4.17 -18.87
C ARG A 360 9.63 4.89 -19.99
N GLN A 361 8.58 5.61 -19.60
CA GLN A 361 7.72 6.31 -20.55
C GLN A 361 8.00 7.82 -20.63
N ASN A 362 8.97 8.29 -19.83
CA ASN A 362 9.40 9.69 -19.87
C ASN A 362 8.21 10.65 -19.72
N MET A 363 7.48 10.47 -18.63
CA MET A 363 6.26 11.21 -18.35
C MET A 363 6.26 11.67 -16.91
N ILE A 364 5.50 12.73 -16.64
CA ILE A 364 5.11 13.06 -15.29
C ILE A 364 3.62 12.76 -15.17
N ARG A 365 3.27 11.97 -14.16
CA ARG A 365 1.90 11.51 -13.97
C ARG A 365 1.46 11.81 -12.56
N LYS A 366 0.14 11.83 -12.34
CA LYS A 366 -0.40 12.01 -11.01
C LYS A 366 -1.60 11.10 -10.80
N ALA A 367 -1.91 10.83 -9.53
CA ALA A 367 -3.10 10.09 -9.14
C ALA A 367 -3.40 10.35 -7.67
N GLN A 368 -4.62 10.01 -7.24
CA GLN A 368 -4.96 10.04 -5.82
C GLN A 368 -4.28 8.85 -5.14
N GLU A 369 -4.10 8.96 -3.82
CA GLU A 369 -3.47 7.88 -3.03
C GLU A 369 -4.18 6.53 -3.13
N ASP A 370 -5.50 6.55 -3.35
CA ASP A 370 -6.26 5.31 -3.53
C ASP A 370 -6.22 4.80 -4.98
N GLY A 371 -5.51 5.50 -5.86
CA GLY A 371 -5.31 5.06 -7.23
C GLY A 371 -6.24 5.69 -8.26
N SER A 372 -7.33 6.29 -7.81
CA SER A 372 -8.29 6.94 -8.71
C SER A 372 -7.72 8.23 -9.31
N GLN A 373 -8.43 8.80 -10.28
CA GLN A 373 -8.09 10.08 -10.91
C GLN A 373 -6.65 10.16 -11.47
N GLY A 374 -6.17 9.05 -12.05
CA GLY A 374 -4.86 9.02 -12.72
C GLY A 374 -4.81 9.95 -13.93
N PHE A 375 -3.72 10.70 -14.08
CA PHE A 375 -3.64 11.75 -15.11
C PHE A 375 -2.20 12.04 -15.50
N THR A 376 -1.98 12.28 -16.80
CA THR A 376 -0.64 12.61 -17.31
C THR A 376 -0.44 14.12 -17.40
N VAL A 377 0.58 14.61 -16.72
CA VAL A 377 0.84 16.04 -16.58
C VAL A 377 1.79 16.54 -17.67
N VAL A 378 2.85 15.77 -17.91
CA VAL A 378 3.83 16.06 -18.96
C VAL A 378 4.14 14.78 -19.74
N VAL A 379 4.13 14.87 -21.07
CA VAL A 379 4.40 13.71 -21.93
C VAL A 379 5.10 14.12 -23.22
N GLU A 388 11.86 15.08 -27.79
CA GLU A 388 12.11 13.93 -26.93
C GLU A 388 12.54 14.37 -25.53
N ILE A 389 11.55 14.62 -24.67
CA ILE A 389 11.83 15.02 -23.28
C ILE A 389 12.31 13.82 -22.45
N GLN A 390 12.92 14.14 -21.31
CA GLN A 390 13.46 13.12 -20.41
C GLN A 390 13.48 13.68 -18.99
N PRO A 391 12.31 13.75 -18.34
CA PRO A 391 12.22 14.32 -17.01
C PRO A 391 13.12 13.60 -15.99
N TYR A 392 13.78 14.37 -15.15
CA TYR A 392 14.78 13.84 -14.22
C TYR A 392 14.30 13.99 -12.78
N ASP A 393 13.93 15.20 -12.38
CA ASP A 393 13.38 15.48 -11.05
C ASP A 393 12.24 16.48 -11.20
N LEU A 394 11.37 16.52 -10.19
CA LEU A 394 10.23 17.42 -10.20
C LEU A 394 9.98 18.01 -8.81
N SER A 395 9.45 19.23 -8.76
CA SER A 395 9.12 19.88 -7.51
C SER A 395 7.89 20.76 -7.65
N ILE A 396 6.89 20.53 -6.79
CA ILE A 396 5.64 21.25 -6.89
C ILE A 396 5.68 22.54 -6.09
N ASP A 397 5.27 23.63 -6.72
CA ASP A 397 4.92 24.85 -6.00
C ASP A 397 3.42 24.74 -5.68
N ILE A 398 3.11 24.42 -4.43
CA ILE A 398 1.72 24.10 -4.04
C ILE A 398 0.84 25.35 -3.95
N TYR A 399 1.45 26.53 -3.92
CA TYR A 399 0.71 27.78 -3.81
C TYR A 399 0.30 28.28 -5.19
N SER A 400 1.28 28.39 -6.10
CA SER A 400 1.03 28.87 -7.45
C SER A 400 0.42 27.81 -8.37
N ARG A 401 0.48 26.54 -7.94
CA ARG A 401 -0.16 25.42 -8.64
C ARG A 401 0.55 25.04 -9.94
N TYR A 402 1.87 24.91 -9.87
CA TYR A 402 2.63 24.37 -10.99
C TYR A 402 3.83 23.56 -10.51
N ILE A 403 4.39 22.79 -11.44
CA ILE A 403 5.46 21.87 -11.17
C ILE A 403 6.70 22.34 -11.90
N TYR A 404 7.81 22.44 -11.16
CA TYR A 404 9.11 22.66 -11.75
C TYR A 404 9.73 21.31 -12.03
N TRP A 405 10.26 21.12 -13.23
CA TRP A 405 10.91 19.86 -13.54
C TRP A 405 12.12 20.04 -14.46
N THR A 406 13.12 19.19 -14.25
CA THR A 406 14.34 19.21 -15.05
C THR A 406 14.24 18.19 -16.16
N CYS A 407 14.78 18.55 -17.32
CA CYS A 407 14.79 17.69 -18.49
C CYS A 407 16.25 17.32 -18.79
N GLU A 408 16.54 16.03 -18.75
CA GLU A 408 17.89 15.51 -18.95
C GLU A 408 18.32 15.53 -20.42
N ALA A 409 17.37 15.70 -21.33
CA ALA A 409 17.66 15.67 -22.77
C ALA A 409 17.98 17.06 -23.31
N THR A 410 17.19 18.04 -22.89
CA THR A 410 17.37 19.42 -23.36
C THR A 410 18.06 20.32 -22.31
N ASN A 411 18.23 19.81 -21.09
CA ASN A 411 18.94 20.49 -20.01
C ASN A 411 18.33 21.84 -19.63
N VAL A 412 17.01 21.82 -19.42
CA VAL A 412 16.29 23.00 -18.99
C VAL A 412 15.55 22.71 -17.70
N ILE A 413 15.16 23.77 -17.00
CA ILE A 413 14.14 23.69 -15.97
C ILE A 413 12.88 24.27 -16.57
N ASN A 414 11.84 23.45 -16.65
CA ASN A 414 10.58 23.79 -17.27
C ASN A 414 9.52 23.89 -16.17
N VAL A 415 8.46 24.64 -16.45
CA VAL A 415 7.37 24.81 -15.49
C VAL A 415 6.04 24.51 -16.18
N THR A 416 5.27 23.64 -15.55
CA THR A 416 4.02 23.15 -16.11
C THR A 416 2.95 23.25 -15.03
N ARG A 417 1.78 23.78 -15.39
CA ARG A 417 0.67 23.80 -14.45
C ARG A 417 0.21 22.37 -14.13
N LEU A 418 -0.43 22.21 -12.97
CA LEU A 418 -0.84 20.89 -12.50
C LEU A 418 -1.83 20.23 -13.45
N ASP A 419 -2.57 21.04 -14.20
CA ASP A 419 -3.52 20.53 -15.20
C ASP A 419 -2.88 20.23 -16.56
N GLY A 420 -1.55 20.37 -16.67
CA GLY A 420 -0.82 20.05 -17.89
C GLY A 420 -0.49 21.22 -18.82
N ARG A 421 -1.06 22.39 -18.56
CA ARG A 421 -0.78 23.59 -19.37
C ARG A 421 0.62 24.12 -19.08
N SER A 422 1.47 24.17 -20.10
CA SER A 422 2.84 24.64 -19.94
C SER A 422 2.88 26.10 -19.53
N VAL A 423 3.72 26.42 -18.54
CA VAL A 423 4.04 27.81 -18.23
C VAL A 423 5.24 28.20 -19.11
N GLY A 424 6.31 27.41 -19.05
CA GLY A 424 7.46 27.61 -19.92
C GLY A 424 8.76 27.38 -19.19
N VAL A 425 9.88 27.65 -19.88
CA VAL A 425 11.21 27.43 -19.34
C VAL A 425 11.71 28.64 -18.54
N VAL A 426 12.27 28.35 -17.35
CA VAL A 426 12.87 29.37 -16.49
C VAL A 426 14.39 29.28 -16.38
N LEU A 427 14.99 28.18 -16.87
CA LEU A 427 16.45 28.06 -16.90
C LEU A 427 16.90 27.26 -18.09
N LYS A 428 17.87 27.83 -18.80
CA LYS A 428 18.51 27.17 -19.92
C LYS A 428 19.80 27.93 -20.25
N GLY A 429 20.92 27.22 -20.25
CA GLY A 429 22.20 27.76 -20.68
C GLY A 429 22.92 26.65 -21.41
N GLU A 430 23.75 26.99 -22.39
CA GLU A 430 24.37 25.98 -23.25
C GLU A 430 25.11 24.91 -22.44
N GLN A 431 25.82 25.34 -21.39
CA GLN A 431 26.60 24.41 -20.55
C GLN A 431 25.85 23.93 -19.29
N ASP A 432 24.65 24.45 -19.03
CA ASP A 432 23.89 24.06 -17.85
C ASP A 432 23.38 22.63 -17.94
N ARG A 433 23.42 21.93 -16.80
CA ARG A 433 22.94 20.55 -16.71
C ARG A 433 22.11 20.42 -15.43
N PRO A 434 20.92 21.04 -15.40
CA PRO A 434 20.10 21.03 -14.20
C PRO A 434 19.54 19.64 -13.95
N ARG A 435 19.64 19.16 -12.71
CA ARG A 435 19.23 17.81 -12.39
C ARG A 435 18.27 17.74 -11.20
N ALA A 436 18.77 17.68 -9.98
CA ALA A 436 17.86 17.67 -8.82
C ALA A 436 17.32 19.09 -8.65
N VAL A 437 16.05 19.21 -8.31
CA VAL A 437 15.45 20.53 -8.14
C VAL A 437 14.44 20.50 -7.00
N VAL A 438 14.40 21.58 -6.23
CA VAL A 438 13.44 21.72 -5.13
C VAL A 438 13.06 23.19 -4.99
N VAL A 439 11.76 23.48 -4.91
CA VAL A 439 11.29 24.84 -4.79
C VAL A 439 10.98 25.21 -3.35
N ASN A 440 11.13 26.50 -3.04
CA ASN A 440 10.79 27.04 -1.74
C ASN A 440 9.96 28.31 -1.95
N PRO A 441 8.67 28.14 -2.30
CA PRO A 441 7.85 29.31 -2.64
C PRO A 441 7.54 30.22 -1.46
N GLU A 442 7.82 29.76 -0.24
CA GLU A 442 7.64 30.58 0.95
C GLU A 442 8.59 31.77 0.87
N LYS A 443 9.75 31.58 0.23
CA LYS A 443 10.78 32.61 0.06
C LYS A 443 11.04 33.05 -1.40
N GLY A 444 10.46 32.35 -2.38
CA GLY A 444 10.56 32.74 -3.78
C GLY A 444 11.74 32.17 -4.56
N TYR A 445 12.38 31.13 -4.01
CA TYR A 445 13.57 30.52 -4.59
C TYR A 445 13.35 29.10 -5.07
N MET A 446 14.14 28.70 -6.06
CA MET A 446 14.33 27.31 -6.41
C MET A 446 15.80 26.97 -6.21
N TYR A 447 16.06 25.70 -5.89
CA TYR A 447 17.40 25.19 -5.65
C TYR A 447 17.60 24.00 -6.57
N PHE A 448 18.79 23.88 -7.15
CA PHE A 448 19.06 22.79 -8.05
C PHE A 448 20.53 22.39 -8.07
N THR A 449 20.78 21.14 -8.43
CA THR A 449 22.12 20.72 -8.73
C THR A 449 22.35 20.96 -10.21
N ASN A 450 23.58 21.33 -10.54
CA ASN A 450 23.98 21.60 -11.89
C ASN A 450 25.20 20.75 -12.17
N LEU A 451 25.02 19.65 -12.89
CA LEU A 451 26.08 18.67 -13.06
C LEU A 451 26.93 19.04 -14.27
N GLN A 452 27.48 20.25 -14.22
CA GLN A 452 28.32 20.74 -15.30
C GLN A 452 29.59 19.93 -15.35
N GLU A 453 30.06 19.76 -16.58
CA GLU A 453 31.27 19.01 -16.85
C GLU A 453 32.43 19.56 -16.04
N ARG A 454 33.06 18.69 -15.26
CA ARG A 454 34.20 19.01 -14.38
C ARG A 454 33.96 20.10 -13.32
N SER A 455 32.70 20.47 -13.08
CA SER A 455 32.38 21.39 -12.00
C SER A 455 30.92 21.27 -11.59
N PRO A 456 30.58 20.21 -10.84
CA PRO A 456 29.22 20.14 -10.31
C PRO A 456 28.95 21.27 -9.33
N LYS A 457 27.71 21.75 -9.29
CA LYS A 457 27.40 22.91 -8.49
C LYS A 457 26.04 22.72 -7.86
N ILE A 458 25.85 23.35 -6.71
CA ILE A 458 24.53 23.55 -6.13
C ILE A 458 24.23 25.03 -6.27
N GLU A 459 23.08 25.34 -6.86
CA GLU A 459 22.72 26.72 -7.20
C GLU A 459 21.34 27.06 -6.69
N ARG A 460 21.04 28.34 -6.61
CA ARG A 460 19.66 28.76 -6.47
C ARG A 460 19.35 29.90 -7.41
N ALA A 461 18.07 30.13 -7.60
CA ALA A 461 17.60 31.25 -8.41
C ALA A 461 16.21 31.59 -7.94
N ALA A 462 15.75 32.80 -8.23
CA ALA A 462 14.34 33.14 -8.02
C ALA A 462 13.51 32.18 -8.86
N LEU A 463 12.24 32.06 -8.51
CA LEU A 463 11.35 31.09 -9.15
C LEU A 463 11.04 31.42 -10.63
N ASP A 464 11.43 32.59 -11.10
CA ASP A 464 11.35 32.92 -12.53
C ASP A 464 12.70 32.77 -13.25
N GLY A 465 13.69 32.19 -12.58
CA GLY A 465 15.02 32.00 -13.17
C GLY A 465 16.00 33.16 -13.06
N THR A 466 15.56 34.30 -12.55
CA THR A 466 16.44 35.44 -12.33
C THR A 466 17.21 35.25 -11.01
N GLU A 467 18.12 36.16 -10.74
CA GLU A 467 18.90 36.18 -9.50
C GLU A 467 19.62 34.84 -9.28
N ARG A 468 20.15 34.27 -10.36
CA ARG A 468 20.87 33.01 -10.30
C ARG A 468 22.16 33.16 -9.53
N GLU A 469 22.42 32.23 -8.61
CA GLU A 469 23.68 32.25 -7.87
C GLU A 469 24.15 30.84 -7.54
N VAL A 470 25.45 30.66 -7.57
CA VAL A 470 26.09 29.41 -7.16
C VAL A 470 26.23 29.48 -5.65
N LEU A 471 25.66 28.50 -4.96
CA LEU A 471 25.83 28.38 -3.53
C LEU A 471 27.12 27.60 -3.23
N PHE A 472 27.27 26.45 -3.87
CA PHE A 472 28.44 25.60 -3.64
C PHE A 472 29.03 25.08 -4.94
N PHE A 473 30.35 25.12 -5.04
CA PHE A 473 31.08 24.56 -6.18
C PHE A 473 32.20 23.60 -5.76
N SER A 474 32.60 23.61 -4.48
CA SER A 474 33.65 22.72 -3.99
C SER A 474 33.09 21.62 -3.10
N GLY A 475 33.87 20.54 -2.92
CA GLY A 475 33.43 19.37 -2.14
C GLY A 475 32.20 18.68 -2.71
N LEU A 476 32.07 18.72 -4.04
CA LEU A 476 30.98 18.08 -4.77
C LEU A 476 31.58 17.19 -5.84
N SER A 477 31.05 15.99 -5.99
CA SER A 477 31.48 15.12 -7.09
C SER A 477 30.26 14.66 -7.86
N LYS A 478 29.34 13.99 -7.18
CA LYS A 478 28.09 13.54 -7.76
C LYS A 478 26.93 13.79 -6.80
N PRO A 479 26.55 15.07 -6.62
CA PRO A 479 25.39 15.40 -5.80
C PRO A 479 24.15 14.87 -6.52
N ILE A 480 23.51 13.87 -5.93
CA ILE A 480 22.49 13.09 -6.61
C ILE A 480 21.09 13.28 -6.00
N ALA A 481 21.00 13.95 -4.85
CA ALA A 481 19.72 14.14 -4.18
C ALA A 481 19.76 15.50 -3.50
N LEU A 482 18.61 16.15 -3.43
CA LEU A 482 18.50 17.49 -2.86
C LEU A 482 17.17 17.58 -2.14
N ALA A 483 17.17 18.21 -0.96
CA ALA A 483 15.96 18.43 -0.19
C ALA A 483 16.06 19.73 0.58
N LEU A 484 14.93 20.25 1.01
CA LEU A 484 14.97 21.43 1.89
C LEU A 484 13.84 21.36 2.88
N ASP A 485 13.97 22.16 3.94
CA ASP A 485 12.89 22.29 4.89
C ASP A 485 12.77 23.75 5.25
N SER A 486 11.62 24.33 4.89
CA SER A 486 11.38 25.76 5.06
C SER A 486 11.38 26.16 6.54
N ARG A 487 10.83 25.30 7.41
CA ARG A 487 10.82 25.58 8.86
C ARG A 487 12.22 25.60 9.47
N LEU A 488 13.06 24.64 9.11
CA LEU A 488 14.45 24.64 9.58
C LEU A 488 15.33 25.66 8.84
N GLY A 489 14.86 26.15 7.70
CA GLY A 489 15.63 27.06 6.86
C GLY A 489 16.89 26.40 6.30
N LYS A 490 16.82 25.10 6.03
CA LYS A 490 17.99 24.31 5.64
C LYS A 490 17.85 23.63 4.27
N LEU A 491 18.98 23.48 3.61
CA LEU A 491 19.12 22.74 2.37
C LEU A 491 19.92 21.48 2.70
N PHE A 492 19.60 20.36 2.06
CA PHE A 492 20.29 19.10 2.26
C PHE A 492 20.60 18.48 0.92
N TRP A 493 21.74 17.79 0.83
CA TRP A 493 22.08 17.04 -0.36
C TRP A 493 22.92 15.81 -0.02
N ALA A 494 22.96 14.89 -0.96
CA ALA A 494 23.75 13.68 -0.82
C ALA A 494 24.63 13.50 -2.05
N ASP A 495 25.85 13.05 -1.83
CA ASP A 495 26.82 12.88 -2.89
C ASP A 495 27.15 11.40 -2.97
N SER A 496 26.88 10.77 -4.12
CA SER A 496 27.09 9.33 -4.28
C SER A 496 28.53 8.93 -4.57
N ASP A 497 29.39 9.90 -4.83
CA ASP A 497 30.80 9.61 -5.09
C ASP A 497 31.62 9.91 -3.86
N LEU A 498 31.37 11.06 -3.23
CA LEU A 498 31.98 11.38 -1.94
C LEU A 498 31.32 10.63 -0.77
N ARG A 499 30.18 10.00 -1.05
CA ARG A 499 29.49 9.14 -0.10
C ARG A 499 29.23 9.85 1.21
N ARG A 500 28.48 10.95 1.12
CA ARG A 500 28.15 11.71 2.30
C ARG A 500 26.89 12.51 2.12
N ILE A 501 26.37 12.98 3.25
CA ILE A 501 25.20 13.81 3.28
C ILE A 501 25.61 15.12 3.94
N GLU A 502 25.25 16.23 3.31
CA GLU A 502 25.59 17.54 3.82
C GLU A 502 24.35 18.40 3.97
N SER A 503 24.54 19.51 4.69
CA SER A 503 23.50 20.48 4.91
C SER A 503 24.10 21.87 4.96
N SER A 504 23.27 22.86 4.66
CA SER A 504 23.60 24.26 4.90
C SER A 504 22.31 25.02 5.15
N ASP A 505 22.46 26.25 5.61
CA ASP A 505 21.39 27.22 5.57
C ASP A 505 20.97 27.42 4.13
N LEU A 506 19.73 27.84 3.92
CA LEU A 506 19.24 28.11 2.56
C LEU A 506 20.01 29.22 1.83
N SER A 507 20.65 30.11 2.58
CA SER A 507 21.50 31.15 2.00
C SER A 507 22.85 30.62 1.50
N GLY A 508 23.20 29.39 1.86
CA GLY A 508 24.53 28.86 1.58
C GLY A 508 25.47 28.91 2.77
N ALA A 509 25.06 29.60 3.84
CA ALA A 509 25.88 29.72 5.03
C ALA A 509 25.89 28.43 5.84
N ASN A 510 26.96 28.25 6.62
CA ASN A 510 27.04 27.20 7.62
C ASN A 510 26.90 25.80 7.03
N ARG A 511 27.69 25.55 5.99
CA ARG A 511 27.76 24.22 5.38
C ARG A 511 28.35 23.25 6.38
N ILE A 512 27.68 22.10 6.56
CA ILE A 512 28.21 21.07 7.44
C ILE A 512 28.02 19.68 6.85
N VAL A 513 28.86 18.75 7.28
CA VAL A 513 28.72 17.37 6.90
C VAL A 513 27.90 16.71 8.00
N LEU A 514 26.77 16.13 7.61
CA LEU A 514 25.89 15.42 8.55
C LEU A 514 26.35 13.98 8.76
N GLU A 515 26.71 13.30 7.68
CA GLU A 515 27.17 11.92 7.78
C GLU A 515 28.09 11.60 6.61
N ASP A 516 29.22 10.95 6.90
CA ASP A 516 30.19 10.56 5.88
C ASP A 516 30.70 9.12 6.05
N SER A 517 29.99 8.32 6.85
CA SER A 517 30.31 6.91 7.05
C SER A 517 29.11 6.04 6.72
N ASN A 518 29.38 4.83 6.23
CA ASN A 518 28.35 3.85 5.91
C ASN A 518 27.26 4.39 4.98
N ILE A 519 27.71 5.17 4.00
CA ILE A 519 26.86 5.64 2.91
C ILE A 519 27.41 5.01 1.64
N LEU A 520 26.54 4.37 0.86
CA LEU A 520 26.95 3.81 -0.42
C LEU A 520 26.29 4.52 -1.58
N GLN A 521 24.96 4.53 -1.62
CA GLN A 521 24.22 5.04 -2.78
C GLN A 521 22.95 5.80 -2.37
N PRO A 522 23.13 7.02 -1.81
CA PRO A 522 22.07 7.83 -1.20
C PRO A 522 21.21 8.62 -2.20
N VAL A 523 20.17 7.97 -2.72
CA VAL A 523 19.47 8.45 -3.92
C VAL A 523 18.31 9.41 -3.63
N GLY A 524 17.95 9.54 -2.37
CA GLY A 524 16.90 10.47 -1.97
C GLY A 524 17.01 10.82 -0.52
N LEU A 525 16.40 11.94 -0.16
CA LEU A 525 16.40 12.41 1.21
C LEU A 525 15.22 13.35 1.44
N THR A 526 14.79 13.46 2.69
CA THR A 526 13.65 14.29 3.03
C THR A 526 13.69 14.59 4.52
N VAL A 527 13.03 15.68 4.91
CA VAL A 527 12.98 16.10 6.30
C VAL A 527 11.59 15.83 6.85
N PHE A 528 11.53 15.09 7.95
CA PHE A 528 10.29 14.85 8.66
C PHE A 528 10.50 15.31 10.09
N GLU A 529 9.83 16.40 10.46
CA GLU A 529 10.00 17.03 11.75
C GLU A 529 11.48 17.42 11.98
N ASN A 530 12.13 16.84 12.99
CA ASN A 530 13.53 17.12 13.28
C ASN A 530 14.48 16.04 12.77
N TRP A 531 13.97 15.12 11.94
CA TRP A 531 14.77 14.04 11.39
C TRP A 531 15.03 14.22 9.90
N LEU A 532 16.28 13.98 9.50
CA LEU A 532 16.61 13.85 8.09
C LEU A 532 16.60 12.37 7.72
N TYR A 533 15.64 11.99 6.88
CA TYR A 533 15.52 10.64 6.38
C TYR A 533 16.22 10.53 5.04
N TRP A 534 16.87 9.40 4.78
CA TRP A 534 17.41 9.13 3.45
C TRP A 534 17.29 7.66 3.09
N ILE A 535 17.43 7.41 1.79
CA ILE A 535 17.36 6.06 1.26
C ILE A 535 18.68 5.74 0.59
N ASP A 536 19.15 4.51 0.81
CA ASP A 536 20.37 4.03 0.20
C ASP A 536 20.01 2.82 -0.65
N LYS A 537 20.12 2.97 -1.96
CA LYS A 537 19.69 1.96 -2.94
C LYS A 537 20.50 0.67 -2.85
N GLN A 538 21.79 0.81 -2.59
CA GLN A 538 22.70 -0.34 -2.53
C GLN A 538 22.53 -1.09 -1.22
N GLN A 539 22.39 -0.35 -0.14
CA GLN A 539 22.17 -0.95 1.18
C GLN A 539 20.71 -1.35 1.41
N GLN A 540 19.81 -0.89 0.53
CA GLN A 540 18.38 -1.24 0.59
C GLN A 540 17.73 -0.79 1.90
N MET A 541 18.12 0.41 2.33
CA MET A 541 17.77 0.93 3.66
C MET A 541 17.09 2.27 3.57
N ILE A 542 16.14 2.50 4.47
CA ILE A 542 15.75 3.84 4.88
C ILE A 542 16.42 4.07 6.23
N GLU A 543 17.06 5.23 6.40
CA GLU A 543 17.70 5.59 7.66
C GLU A 543 17.39 7.03 8.00
N LYS A 544 17.58 7.39 9.28
CA LYS A 544 17.34 8.76 9.70
C LYS A 544 18.42 9.28 10.65
N ILE A 545 18.58 10.60 10.64
CA ILE A 545 19.52 11.29 11.50
C ILE A 545 18.79 12.45 12.18
N ASP A 546 19.03 12.63 13.48
CA ASP A 546 18.33 13.62 14.29
C ASP A 546 19.03 14.97 14.17
N MET A 547 18.35 15.97 13.61
CA MET A 547 18.95 17.29 13.38
C MET A 547 19.20 18.09 14.66
N THR A 548 18.51 17.73 15.75
CA THR A 548 18.75 18.35 17.06
C THR A 548 20.02 17.80 17.73
N GLY A 549 20.53 16.67 17.24
CA GLY A 549 21.79 16.10 17.71
C GLY A 549 21.70 15.29 18.99
N ARG A 550 20.48 15.00 19.44
CA ARG A 550 20.28 14.30 20.71
C ARG A 550 20.32 12.78 20.55
N GLU A 551 19.63 12.28 19.52
CA GLU A 551 19.60 10.84 19.27
C GLU A 551 20.53 10.46 18.13
N GLY A 552 20.95 9.19 18.12
CA GLY A 552 21.88 8.71 17.11
C GLY A 552 21.21 8.35 15.79
N ARG A 553 22.04 8.18 14.77
CA ARG A 553 21.60 7.67 13.48
C ARG A 553 20.83 6.38 13.69
N THR A 554 19.64 6.28 13.10
CA THR A 554 18.75 5.15 13.34
C THR A 554 18.27 4.50 12.04
N LYS A 555 18.30 3.17 12.01
CA LYS A 555 17.75 2.40 10.89
C LYS A 555 16.22 2.40 10.98
N VAL A 556 15.56 2.73 9.88
CA VAL A 556 14.09 2.77 9.84
C VAL A 556 13.52 1.47 9.26
N GLN A 557 14.02 1.07 8.09
CA GLN A 557 13.55 -0.16 7.44
C GLN A 557 14.62 -0.72 6.50
N ALA A 558 14.74 -2.04 6.46
CA ALA A 558 15.78 -2.72 5.67
C ALA A 558 15.17 -3.59 4.59
N ARG A 559 16.03 -4.09 3.70
CA ARG A 559 15.65 -5.04 2.65
C ARG A 559 14.55 -4.52 1.71
N ILE A 560 14.66 -3.24 1.34
CA ILE A 560 13.76 -2.61 0.36
C ILE A 560 14.50 -2.50 -0.96
N ALA A 561 14.06 -3.26 -1.97
CA ALA A 561 14.76 -3.33 -3.24
C ALA A 561 14.39 -2.16 -4.15
N GLN A 562 15.36 -1.69 -4.93
CA GLN A 562 15.15 -0.71 -6.01
C GLN A 562 14.59 0.64 -5.54
N LEU A 563 15.04 1.09 -4.38
CA LEU A 563 14.63 2.39 -3.84
C LEU A 563 15.02 3.51 -4.80
N SER A 564 14.11 4.47 -5.00
CA SER A 564 14.33 5.58 -5.93
C SER A 564 14.11 6.98 -5.36
N ASP A 565 13.17 7.16 -4.44
CA ASP A 565 12.96 8.48 -3.83
C ASP A 565 12.21 8.38 -2.51
N ILE A 566 12.29 9.44 -1.71
CA ILE A 566 11.61 9.52 -0.44
C ILE A 566 11.14 10.96 -0.22
N HIS A 567 9.96 11.10 0.38
CA HIS A 567 9.32 12.40 0.41
C HIS A 567 8.40 12.51 1.60
N ALA A 568 8.72 13.42 2.51
CA ALA A 568 7.88 13.66 3.68
C ALA A 568 6.76 14.63 3.34
N VAL A 569 5.56 14.33 3.85
CA VAL A 569 4.41 15.19 3.67
C VAL A 569 4.02 15.74 5.03
N LYS A 570 4.21 17.05 5.21
CA LYS A 570 3.82 17.76 6.43
C LYS A 570 2.33 18.06 6.43
N GLU A 571 1.76 18.29 7.61
CA GLU A 571 0.34 18.64 7.73
C GLU A 571 0.11 20.06 7.21
N LEU A 572 -0.89 20.21 6.36
CA LEU A 572 -1.17 21.49 5.70
C LEU A 572 -2.06 22.35 6.59
N ASN A 573 -1.49 23.44 7.10
CA ASN A 573 -2.26 24.44 7.83
C ASN A 573 -3.02 25.29 6.81
N LEU A 574 -4.30 25.00 6.64
CA LEU A 574 -5.10 25.64 5.59
C LEU A 574 -5.17 27.17 5.74
N GLN A 575 -5.20 27.69 6.97
CA GLN A 575 -5.22 29.14 7.20
C GLN A 575 -3.91 29.80 6.78
N GLU A 576 -2.79 29.18 7.15
CA GLU A 576 -1.48 29.66 6.73
C GLU A 576 -1.39 29.60 5.22
N TYR A 577 -1.79 28.47 4.65
CA TYR A 577 -1.73 28.27 3.20
C TYR A 577 -2.42 29.40 2.44
N ARG A 578 -3.65 29.72 2.83
CA ARG A 578 -4.42 30.77 2.15
C ARG A 578 -3.83 32.19 2.35
N GLN A 579 -2.96 32.34 3.34
CA GLN A 579 -2.26 33.63 3.55
C GLN A 579 -1.09 33.81 2.57
N HIS A 580 -0.64 32.74 1.92
CA HIS A 580 0.39 32.89 0.92
C HIS A 580 -0.16 33.72 -0.23
N PRO A 581 0.56 34.78 -0.64
CA PRO A 581 0.05 35.73 -1.65
C PRO A 581 -0.20 35.13 -3.04
N CYS A 582 0.43 34.01 -3.38
CA CYS A 582 0.18 33.35 -4.66
C CYS A 582 -0.92 32.28 -4.59
N ALA A 583 -1.44 32.01 -3.40
CA ALA A 583 -2.41 30.92 -3.20
C ALA A 583 -3.81 31.23 -3.78
N GLN A 584 -4.17 32.51 -3.85
CA GLN A 584 -5.46 32.87 -4.43
C GLN A 584 -5.28 33.27 -5.90
N ASP A 585 -5.67 32.35 -6.79
CA ASP A 585 -5.65 32.58 -8.23
C ASP A 585 -4.27 33.05 -8.73
N ASN A 586 -3.22 32.39 -8.24
CA ASN A 586 -1.86 32.71 -8.64
C ASN A 586 -1.52 34.20 -8.49
N GLY A 587 -2.09 34.83 -7.46
CA GLY A 587 -1.92 36.27 -7.23
C GLY A 587 -2.37 37.18 -8.36
N GLY A 588 -3.24 36.67 -9.24
CA GLY A 588 -3.66 37.40 -10.43
C GLY A 588 -2.72 37.29 -11.62
N CYS A 589 -1.62 36.57 -11.46
CA CYS A 589 -0.56 36.48 -12.49
C CYS A 589 -0.92 35.47 -13.58
N SER A 590 -0.58 35.79 -14.81
CA SER A 590 -0.85 34.90 -15.95
C SER A 590 0.09 33.69 -15.94
N HIS A 591 1.33 33.91 -15.50
CA HIS A 591 2.34 32.87 -15.54
C HIS A 591 2.89 32.61 -14.15
N ILE A 592 4.01 33.23 -13.81
CA ILE A 592 4.67 32.97 -12.54
C ILE A 592 4.27 34.01 -11.51
N CYS A 593 3.97 33.55 -10.30
CA CYS A 593 3.77 34.40 -9.13
C CYS A 593 4.83 34.01 -8.13
N LEU A 594 5.56 34.99 -7.61
CA LEU A 594 6.60 34.69 -6.62
C LEU A 594 6.83 35.79 -5.57
N VAL A 595 7.15 35.32 -4.37
CA VAL A 595 7.62 36.14 -3.27
C VAL A 595 9.02 36.69 -3.61
N LYS A 596 9.26 37.93 -3.24
CA LYS A 596 10.56 38.60 -3.44
C LYS A 596 11.20 38.96 -2.11
N GLY A 597 12.52 39.08 -2.14
CA GLY A 597 13.30 39.35 -0.94
C GLY A 597 13.01 40.70 -0.32
N ASP A 598 12.55 41.66 -1.13
CA ASP A 598 12.16 42.97 -0.61
C ASP A 598 10.76 42.97 0.04
N GLY A 599 10.16 41.79 0.19
CA GLY A 599 8.90 41.66 0.93
C GLY A 599 7.66 41.83 0.08
N THR A 600 7.84 42.06 -1.21
CA THR A 600 6.72 42.15 -2.13
C THR A 600 6.48 40.79 -2.76
N THR A 601 5.30 40.62 -3.36
CA THR A 601 5.03 39.48 -4.22
C THR A 601 4.81 40.03 -5.62
N ARG A 602 5.37 39.36 -6.62
CA ARG A 602 5.31 39.87 -7.97
C ARG A 602 4.94 38.79 -8.98
N CYS A 603 4.42 39.23 -10.12
CA CYS A 603 4.21 38.36 -11.27
C CYS A 603 5.46 38.41 -12.10
N SER A 604 5.76 37.31 -12.77
CA SER A 604 6.88 37.26 -13.66
C SER A 604 6.58 36.28 -14.77
N CYS A 605 7.58 36.00 -15.59
CA CYS A 605 7.38 35.28 -16.82
C CYS A 605 8.49 34.27 -17.06
N PRO A 606 8.21 33.22 -17.83
CA PRO A 606 9.25 32.33 -18.32
C PRO A 606 10.13 33.07 -19.32
N MET A 607 11.19 32.43 -19.79
CA MET A 607 12.24 33.15 -20.52
C MET A 607 11.83 33.74 -21.87
N HIS A 608 10.83 33.17 -22.52
CA HIS A 608 10.46 33.64 -23.87
C HIS A 608 9.48 34.84 -23.87
N LEU A 609 9.09 35.30 -22.68
CA LEU A 609 8.07 36.36 -22.56
C LEU A 609 8.59 37.51 -21.70
N VAL A 610 7.85 38.61 -21.70
CA VAL A 610 8.15 39.76 -20.84
C VAL A 610 6.89 40.21 -20.10
N LEU A 611 7.04 40.73 -18.88
CA LEU A 611 5.91 41.19 -18.09
C LEU A 611 5.36 42.47 -18.71
N LEU A 612 4.05 42.53 -18.91
CA LEU A 612 3.42 43.70 -19.51
C LEU A 612 3.13 44.75 -18.43
N GLN A 613 2.67 45.93 -18.84
CA GLN A 613 2.61 47.07 -17.92
C GLN A 613 1.58 46.91 -16.81
N ASP A 614 0.63 45.99 -16.97
CA ASP A 614 -0.35 45.70 -15.91
C ASP A 614 0.30 44.97 -14.73
N GLU A 615 1.53 44.51 -14.92
CA GLU A 615 2.31 43.78 -13.91
C GLU A 615 1.67 42.44 -13.50
N LEU A 616 0.78 41.93 -14.36
CA LEU A 616 0.09 40.66 -14.15
C LEU A 616 0.29 39.69 -15.32
N SER A 617 0.32 40.25 -16.53
CA SER A 617 0.30 39.48 -17.77
C SER A 617 1.65 39.47 -18.47
N CYS A 618 1.95 38.35 -19.12
CA CYS A 618 3.14 38.23 -19.94
C CYS A 618 2.78 38.27 -21.42
N GLY A 619 3.62 38.93 -22.22
CA GLY A 619 3.46 38.99 -23.67
C GLY A 619 4.70 38.48 -24.37
N GLY A 620 4.57 38.16 -25.66
CA GLY A 620 5.65 37.56 -26.44
C GLY A 620 6.87 38.44 -26.64
N THR A 621 8.00 37.81 -26.95
CA THR A 621 9.27 38.50 -27.22
C THR A 621 9.63 39.52 -26.14
C1 NAG B . -25.37 -12.73 -13.04
C2 NAG B . -26.39 -12.00 -13.88
C3 NAG B . -26.76 -10.65 -13.28
C4 NAG B . -27.15 -10.84 -11.80
C5 NAG B . -26.11 -11.69 -11.06
C6 NAG B . -26.53 -12.05 -9.63
C7 NAG B . -26.34 -12.71 -16.22
C8 NAG B . -25.71 -12.51 -17.57
N2 NAG B . -25.89 -11.91 -15.25
O3 NAG B . -27.84 -10.14 -14.01
O4 NAG B . -27.21 -9.59 -11.17
O5 NAG B . -25.87 -12.91 -11.74
O6 NAG B . -27.55 -13.03 -9.65
O7 NAG B . -27.22 -13.58 -16.04
C1 NAG B . -28.53 -9.01 -11.20
C2 NAG B . -28.68 -8.11 -9.98
C3 NAG B . -30.04 -7.43 -9.97
C4 NAG B . -30.40 -6.82 -11.32
C5 NAG B . -30.09 -7.77 -12.48
C6 NAG B . -30.30 -7.09 -13.84
C7 NAG B . -27.43 -8.76 -7.97
C8 NAG B . -27.43 -9.63 -6.74
N2 NAG B . -28.50 -8.87 -8.76
O3 NAG B . -30.01 -6.41 -8.99
O4 NAG B . -31.78 -6.50 -11.31
O5 NAG B . -28.77 -8.26 -12.38
O6 NAG B . -29.07 -6.96 -14.52
O7 NAG B . -26.48 -8.01 -8.20
C1 NAG C . 8.35 22.54 -21.56
C2 NAG C . 8.80 22.55 -23.03
C3 NAG C . 7.65 22.61 -24.02
C4 NAG C . 6.53 21.63 -23.69
C5 NAG C . 6.19 21.71 -22.21
C6 NAG C . 5.18 20.66 -21.77
C7 NAG C . 11.03 23.49 -23.45
C8 NAG C . 11.82 24.73 -23.72
N2 NAG C . 9.72 23.65 -23.29
O3 NAG C . 8.15 22.34 -25.31
O4 NAG C . 5.37 21.97 -24.44
O5 NAG C . 7.36 21.54 -21.43
O6 NAG C . 4.64 20.98 -20.50
O7 NAG C . 11.61 22.40 -23.38
C1 NAG C . 5.19 21.20 -25.65
C2 NAG C . 3.71 21.22 -26.00
C3 NAG C . 3.45 20.44 -27.29
C4 NAG C . 4.39 20.91 -28.41
C5 NAG C . 5.84 20.99 -27.94
C6 NAG C . 6.70 21.63 -29.02
C7 NAG C . 2.13 21.43 -24.13
C8 NAG C . 1.34 20.69 -23.09
N2 NAG C . 2.89 20.67 -24.94
O3 NAG C . 2.11 20.63 -27.70
O4 NAG C . 4.29 20.01 -29.50
O5 NAG C . 5.93 21.74 -26.74
O6 NAG C . 7.92 22.08 -28.48
O7 NAG C . 2.07 22.66 -24.20
C1 NAG D . -23.41 -39.73 12.10
C2 NAG D . -24.87 -40.08 11.85
C3 NAG D . -25.75 -39.92 13.08
C4 NAG D . -25.13 -40.60 14.30
C5 NAG D . -23.68 -40.15 14.46
C6 NAG D . -22.99 -40.86 15.62
C7 NAG D . -25.40 -39.68 9.49
C8 NAG D . -26.01 -38.73 8.50
N2 NAG D . -25.41 -39.28 10.76
O3 NAG D . -27.01 -40.48 12.82
O4 NAG D . -25.86 -40.23 15.45
O5 NAG D . -22.97 -40.42 13.26
O6 NAG D . -22.88 -42.24 15.32
O7 NAG D . -24.92 -40.75 9.12
C1 NAG E . -15.37 5.78 22.80
C2 NAG E . -16.27 6.45 23.84
C3 NAG E . -15.57 6.62 25.19
C4 NAG E . -14.83 5.36 25.61
C5 NAG E . -13.99 4.82 24.46
C6 NAG E . -13.29 3.52 24.86
C7 NAG E . -17.86 7.92 22.69
C8 NAG E . -18.20 9.33 22.30
N2 NAG E . -16.74 7.75 23.38
O3 NAG E . -16.55 6.93 26.16
O4 NAG E . -14.00 5.64 26.72
O5 NAG E . -14.82 4.58 23.35
O6 NAG E . -12.64 2.97 23.74
O7 NAG E . -18.62 7.00 22.38
CA CA F . -10.58 -22.14 2.22
CA CA G . 1.84 -36.08 5.92
CL CL H . 12.43 18.39 -0.06
CL CL I . 31.86 25.89 -2.35
CL CL J . -3.15 -28.45 22.49
C1 EDO K . 13.74 36.46 -3.73
O1 EDO K . 14.02 37.78 -4.21
C2 EDO K . 13.63 35.47 -4.89
O2 EDO K . 12.44 35.73 -5.66
C1 EDO L . -1.02 -5.62 16.09
O1 EDO L . -1.59 -6.34 17.19
C2 EDO L . 0.31 -6.26 15.69
O2 EDO L . 0.08 -7.50 15.01
CA CA M . 12.21 16.11 -4.24
#